data_4Y6I
#
_entry.id   4Y6I
#
_cell.length_a   127.720
_cell.length_b   127.720
_cell.length_c   38.201
_cell.angle_alpha   90.000
_cell.angle_beta   90.000
_cell.angle_gamma   90.000
#
_symmetry.space_group_name_H-M   'P 43'
#
loop_
_entity.id
_entity.type
_entity.pdbx_description
1 polymer 'Divalent-cation tolerance protein CutA'
2 water water
#
_entity_poly.entity_id   1
_entity_poly.type   'polypeptide(L)'
_entity_poly.pdbx_seq_one_letter_code
;KSSNTASVVVLATAPDEATAQDLAAKVLAEKLAAAATLIPGATSLYYWEGKLEQEYVVQMILKTTVSHQQALLEALKSHH
PYQTPELLVLPVTHGDTDYLSWLNASLR
;
_entity_poly.pdbx_strand_id   A,B,C,D,E,F
#
# COMPACT_ATOMS: atom_id res chain seq x y z
N ALA A 6 13.05 31.45 22.26
CA ALA A 6 13.37 30.52 21.14
C ALA A 6 12.20 29.57 20.85
N SER A 7 12.03 29.24 19.57
CA SER A 7 10.93 28.36 19.16
C SER A 7 11.45 26.94 18.97
N VAL A 8 10.54 25.98 19.05
CA VAL A 8 10.88 24.57 18.83
C VAL A 8 9.76 23.87 18.08
N VAL A 9 10.13 22.76 17.44
CA VAL A 9 9.21 21.83 16.83
CA VAL A 9 9.13 21.87 16.90
C VAL A 9 9.14 20.58 17.73
N VAL A 10 7.94 20.07 17.99
CA VAL A 10 7.79 18.83 18.75
C VAL A 10 7.22 17.77 17.81
N LEU A 11 7.91 16.63 17.74
CA LEU A 11 7.42 15.48 16.97
C LEU A 11 6.75 14.54 17.94
N ALA A 12 5.49 14.21 17.66
CA ALA A 12 4.74 13.25 18.45
C ALA A 12 3.96 12.38 17.50
N THR A 13 3.63 11.15 17.91
CA THR A 13 2.74 10.34 17.10
C THR A 13 1.52 9.92 17.92
N ALA A 14 0.41 9.73 17.21
CA ALA A 14 -0.83 9.23 17.77
C ALA A 14 -1.28 7.98 17.02
N PRO A 15 -2.00 7.06 17.69
CA PRO A 15 -2.39 5.78 17.08
C PRO A 15 -3.49 5.87 16.01
N ASP A 16 -4.26 6.95 16.03
CA ASP A 16 -5.30 7.15 15.04
C ASP A 16 -5.67 8.62 14.96
N GLU A 17 -6.52 8.93 14.00
CA GLU A 17 -6.91 10.31 13.75
C GLU A 17 -7.68 10.91 14.92
N ALA A 18 -8.61 10.14 15.50
CA ALA A 18 -9.37 10.64 16.62
C ALA A 18 -8.47 11.09 17.78
N THR A 19 -7.46 10.26 18.08
CA THR A 19 -6.52 10.56 19.14
C THR A 19 -5.67 11.78 18.81
N ALA A 20 -5.21 11.89 17.56
CA ALA A 20 -4.38 13.03 17.15
C ALA A 20 -5.16 14.33 17.28
N GLN A 21 -6.43 14.31 16.87
CA GLN A 21 -7.28 15.48 16.98
C GLN A 21 -7.47 15.92 18.43
N ASP A 22 -7.72 14.94 19.29
CA ASP A 22 -7.99 15.17 20.70
C ASP A 22 -6.75 15.76 21.36
N LEU A 23 -5.59 15.16 21.10
CA LEU A 23 -4.32 15.66 21.63
C LEU A 23 -4.06 17.09 21.20
N ALA A 24 -4.18 17.35 19.90
CA ALA A 24 -3.97 18.70 19.36
C ALA A 24 -4.93 19.70 19.96
N ALA A 25 -6.22 19.36 19.99
CA ALA A 25 -7.24 20.28 20.55
C ALA A 25 -6.93 20.62 22.00
N LYS A 26 -6.57 19.61 22.78
CA LYS A 26 -6.26 19.81 24.20
C LYS A 26 -5.08 20.76 24.42
N VAL A 27 -3.95 20.48 23.78
CA VAL A 27 -2.75 21.29 24.01
C VAL A 27 -2.83 22.69 23.39
N LEU A 28 -3.61 22.83 22.31
CA LEU A 28 -3.85 24.15 21.72
C LEU A 28 -4.75 24.99 22.61
N ALA A 29 -5.81 24.37 23.13
CA ALA A 29 -6.72 25.09 24.05
C ALA A 29 -6.00 25.55 25.31
N GLU A 30 -5.06 24.73 25.79
CA GLU A 30 -4.29 25.03 27.00
C GLU A 30 -3.12 25.98 26.75
N LYS A 31 -2.97 26.39 25.48
CA LYS A 31 -1.92 27.33 25.03
C LYS A 31 -0.53 26.78 25.37
N LEU A 32 -0.37 25.48 25.18
CA LEU A 32 0.93 24.83 25.37
C LEU A 32 1.64 24.69 24.03
N ALA A 33 0.87 24.82 22.96
CA ALA A 33 1.41 24.88 21.60
C ALA A 33 0.64 25.93 20.80
N ALA A 34 1.28 26.48 19.78
CA ALA A 34 0.68 27.51 18.93
C ALA A 34 -0.07 26.88 17.76
N ALA A 35 0.47 25.77 17.24
CA ALA A 35 -0.13 25.14 16.07
C ALA A 35 0.30 23.68 16.03
N ALA A 36 -0.51 22.86 15.36
CA ALA A 36 -0.14 21.45 15.18
C ALA A 36 -0.48 20.99 13.79
N THR A 37 0.50 20.40 13.12
CA THR A 37 0.26 19.73 11.84
C THR A 37 0.07 18.24 12.06
N LEU A 38 -1.00 17.70 11.48
N LEU A 38 -1.00 17.69 11.50
CA LEU A 38 -1.29 16.27 11.52
CA LEU A 38 -1.27 16.26 11.57
C LEU A 38 -1.04 15.65 10.16
C LEU A 38 -1.09 15.62 10.20
N ILE A 39 -0.31 14.54 10.13
CA ILE A 39 -0.09 13.82 8.88
C ILE A 39 -0.50 12.36 9.10
N PRO A 40 -1.74 12.02 8.74
CA PRO A 40 -2.21 10.63 8.88
C PRO A 40 -1.60 9.72 7.81
N GLY A 41 -1.78 8.40 7.98
CA GLY A 41 -1.38 7.45 6.94
C GLY A 41 0.07 7.02 7.00
N ALA A 42 0.72 7.29 8.13
CA ALA A 42 2.10 6.90 8.35
C ALA A 42 2.20 5.54 9.01
N THR A 43 3.38 4.95 8.95
CA THR A 43 3.64 3.69 9.64
C THR A 43 4.83 3.84 10.58
N SER A 44 4.73 3.29 11.78
CA SER A 44 5.86 3.28 12.70
C SER A 44 6.41 1.86 12.84
N LEU A 45 7.72 1.70 12.70
CA LEU A 45 8.36 0.39 12.84
C LEU A 45 9.34 0.43 13.99
N TYR A 46 9.35 -0.62 14.81
CA TYR A 46 10.28 -0.72 15.95
C TYR A 46 10.26 -2.17 16.42
N TYR A 47 11.22 -2.53 17.27
CA TYR A 47 11.26 -3.88 17.85
C TYR A 47 10.59 -3.91 19.21
N TRP A 48 9.82 -4.98 19.44
CA TRP A 48 9.27 -5.24 20.76
C TRP A 48 9.49 -6.72 21.02
N GLU A 49 10.28 -7.00 22.06
CA GLU A 49 10.59 -8.36 22.50
C GLU A 49 11.07 -9.25 21.34
N GLY A 50 12.03 -8.71 20.59
CA GLY A 50 12.67 -9.44 19.49
C GLY A 50 11.85 -9.57 18.22
N LYS A 51 10.67 -8.93 18.17
CA LYS A 51 9.85 -8.98 16.97
C LYS A 51 9.73 -7.60 16.31
N LEU A 52 9.84 -7.55 14.98
CA LEU A 52 9.59 -6.30 14.25
C LEU A 52 8.10 -5.98 14.22
N GLU A 53 7.73 -4.88 14.90
CA GLU A 53 6.34 -4.43 14.94
C GLU A 53 6.13 -3.28 13.98
N GLN A 54 4.94 -3.20 13.40
CA GLN A 54 4.56 -2.10 12.53
C GLN A 54 3.16 -1.64 12.90
N GLU A 55 2.99 -0.34 13.10
CA GLU A 55 1.71 0.20 13.52
C GLU A 55 1.39 1.44 12.70
N TYR A 56 0.10 1.60 12.39
CA TYR A 56 -0.39 2.82 11.77
C TYR A 56 -0.22 3.95 12.78
N VAL A 57 0.27 5.10 12.32
CA VAL A 57 0.33 6.28 13.17
C VAL A 57 -0.04 7.54 12.41
N VAL A 58 -0.45 8.55 13.17
CA VAL A 58 -0.57 9.92 12.64
C VAL A 58 0.67 10.67 13.17
N GLN A 59 1.46 11.21 12.25
CA GLN A 59 2.59 12.06 12.64
C GLN A 59 2.09 13.44 13.03
N MET A 60 2.51 13.91 14.20
CA MET A 60 2.19 15.28 14.62
C MET A 60 3.44 16.12 14.62
N ILE A 61 3.30 17.37 14.19
CA ILE A 61 4.38 18.33 14.22
C ILE A 61 3.84 19.56 14.91
N LEU A 62 4.23 19.77 16.17
CA LEU A 62 3.69 20.87 16.96
C LEU A 62 4.71 22.00 17.06
N LYS A 63 4.22 23.24 17.11
CA LYS A 63 5.11 24.38 17.24
C LYS A 63 4.87 25.04 18.58
N THR A 64 5.95 25.32 19.31
CA THR A 64 5.83 26.00 20.59
C THR A 64 7.13 26.73 20.92
N THR A 65 7.26 27.23 22.15
CA THR A 65 8.51 27.87 22.57
C THR A 65 9.22 27.02 23.62
N VAL A 66 10.51 27.29 23.84
CA VAL A 66 11.31 26.59 24.84
C VAL A 66 10.67 26.70 26.22
N SER A 67 10.09 27.87 26.50
CA SER A 67 9.42 28.10 27.79
CA SER A 67 9.39 28.14 27.76
C SER A 67 8.25 27.14 28.03
N HIS A 68 7.64 26.63 26.96
CA HIS A 68 6.48 25.76 27.07
C HIS A 68 6.77 24.30 26.80
N GLN A 69 7.99 23.99 26.36
CA GLN A 69 8.28 22.62 25.88
C GLN A 69 8.06 21.53 26.95
N GLN A 70 8.51 21.78 28.17
CA GLN A 70 8.32 20.81 29.24
C GLN A 70 6.84 20.56 29.49
N ALA A 71 6.06 21.64 29.58
CA ALA A 71 4.65 21.52 29.91
C ALA A 71 3.89 20.86 28.76
N LEU A 72 4.29 21.15 27.53
CA LEU A 72 3.68 20.51 26.37
C LEU A 72 3.95 19.00 26.39
N LEU A 73 5.20 18.60 26.63
CA LEU A 73 5.50 17.17 26.64
C LEU A 73 4.71 16.46 27.73
N GLU A 74 4.65 17.09 28.91
CA GLU A 74 3.91 16.53 30.04
C GLU A 74 2.42 16.33 29.74
N ALA A 75 1.81 17.34 29.11
CA ALA A 75 0.42 17.25 28.69
C ALA A 75 0.16 16.19 27.62
N LEU A 76 1.02 16.14 26.60
CA LEU A 76 0.87 15.13 25.55
C LEU A 76 1.00 13.72 26.13
N LYS A 77 1.98 13.53 27.00
CA LYS A 77 2.21 12.23 27.63
C LYS A 77 0.99 11.80 28.46
N SER A 78 0.45 12.74 29.22
CA SER A 78 -0.71 12.47 30.09
C SER A 78 -1.96 12.05 29.31
N HIS A 79 -2.22 12.75 28.20
CA HIS A 79 -3.41 12.51 27.40
C HIS A 79 -3.27 11.38 26.37
N HIS A 80 -2.03 11.03 26.04
CA HIS A 80 -1.78 9.96 25.09
C HIS A 80 -2.18 8.62 25.73
N PRO A 81 -2.88 7.76 24.96
CA PRO A 81 -3.34 6.46 25.49
C PRO A 81 -2.20 5.48 25.81
N TYR A 82 -1.06 5.62 25.14
CA TYR A 82 0.04 4.68 25.32
C TYR A 82 1.00 5.14 26.42
N GLN A 83 1.75 4.19 26.97
CA GLN A 83 2.58 4.43 28.14
C GLN A 83 3.78 5.33 27.84
N THR A 84 4.49 5.02 26.77
CA THR A 84 5.74 5.70 26.45
C THR A 84 5.71 6.20 25.00
N PRO A 85 4.88 7.23 24.73
CA PRO A 85 4.78 7.69 23.36
C PRO A 85 6.01 8.44 22.88
N GLU A 86 6.19 8.46 21.57
CA GLU A 86 7.24 9.20 20.93
C GLU A 86 7.03 10.70 21.12
N LEU A 87 7.93 11.34 21.85
CA LEU A 87 7.84 12.78 22.15
C LEU A 87 9.23 13.37 22.11
N LEU A 88 9.50 14.18 21.08
CA LEU A 88 10.84 14.70 20.82
C LEU A 88 10.80 16.16 20.45
N VAL A 89 11.78 16.92 20.93
CA VAL A 89 11.84 18.36 20.66
C VAL A 89 13.04 18.68 19.78
N LEU A 90 12.78 19.36 18.66
CA LEU A 90 13.83 19.80 17.72
CA LEU A 90 13.85 19.80 17.75
C LEU A 90 13.96 21.32 17.77
N PRO A 91 15.20 21.85 17.72
CA PRO A 91 15.34 23.31 17.81
C PRO A 91 15.07 24.03 16.48
N VAL A 92 14.42 25.18 16.55
CA VAL A 92 14.23 26.06 15.39
C VAL A 92 15.29 27.15 15.49
N THR A 93 16.17 27.22 14.50
CA THR A 93 17.29 28.15 14.52
C THR A 93 17.00 29.46 13.78
N HIS A 94 15.98 29.45 12.92
CA HIS A 94 15.59 30.64 12.15
C HIS A 94 14.20 30.41 11.58
N GLY A 95 13.61 31.45 11.00
CA GLY A 95 12.29 31.31 10.43
C GLY A 95 11.73 32.64 10.01
N ASP A 96 10.52 32.61 9.48
CA ASP A 96 9.83 33.83 9.08
C ASP A 96 9.55 34.66 10.36
N THR A 97 10.00 35.91 10.35
CA THR A 97 9.88 36.78 11.53
CA THR A 97 9.88 36.77 11.52
C THR A 97 8.43 36.94 11.98
N ASP A 98 7.53 37.13 11.01
CA ASP A 98 6.11 37.30 11.29
C ASP A 98 5.49 36.02 11.87
N TYR A 99 5.86 34.87 11.31
CA TYR A 99 5.35 33.62 11.85
C TYR A 99 5.82 33.39 13.29
N LEU A 100 7.12 33.59 13.52
CA LEU A 100 7.67 33.33 14.86
C LEU A 100 7.05 34.27 15.90
N SER A 101 6.77 35.51 15.50
CA SER A 101 6.09 36.46 16.38
C SER A 101 4.66 36.02 16.67
N TRP A 102 3.96 35.54 15.65
CA TRP A 102 2.61 35.05 15.83
C TRP A 102 2.61 33.86 16.79
N LEU A 103 3.59 32.98 16.61
CA LEU A 103 3.74 31.78 17.43
C LEU A 103 3.84 32.18 18.91
N ASN A 104 4.75 33.11 19.18
CA ASN A 104 4.97 33.60 20.53
CA ASN A 104 4.97 33.63 20.53
C ASN A 104 3.71 34.31 21.08
N ALA A 105 3.11 35.17 20.28
CA ALA A 105 1.90 35.91 20.69
C ALA A 105 0.71 35.00 21.00
N SER A 106 0.61 33.89 20.28
CA SER A 106 -0.51 32.96 20.43
CA SER A 106 -0.51 32.96 20.43
C SER A 106 -0.55 32.32 21.81
N LEU A 107 0.59 32.31 22.51
CA LEU A 107 0.68 31.64 23.82
C LEU A 107 0.57 32.57 25.03
N ARG A 108 0.37 33.86 24.76
CA ARG A 108 0.34 34.87 25.83
C ARG A 108 -0.69 34.53 26.92
N LYS B 1 18.20 10.85 33.20
CA LYS B 1 18.91 9.53 33.32
C LYS B 1 20.32 9.67 32.77
N SER B 2 21.30 9.50 33.66
CA SER B 2 22.69 9.77 33.36
C SER B 2 23.30 8.82 32.32
N SER B 3 22.70 7.65 32.14
CA SER B 3 23.27 6.65 31.23
C SER B 3 22.80 6.79 29.78
N ASN B 4 21.85 7.69 29.53
CA ASN B 4 21.34 7.90 28.18
C ASN B 4 22.32 8.68 27.30
N THR B 5 22.53 8.18 26.09
CA THR B 5 23.25 8.92 25.07
C THR B 5 22.26 9.88 24.43
N ALA B 6 22.72 11.07 24.05
CA ALA B 6 21.86 12.09 23.40
C ALA B 6 21.21 11.52 22.15
N SER B 7 19.94 11.85 21.92
CA SER B 7 19.21 11.34 20.77
CA SER B 7 19.22 11.33 20.77
C SER B 7 19.24 12.29 19.57
N VAL B 8 19.04 11.73 18.38
CA VAL B 8 18.93 12.50 17.15
C VAL B 8 17.83 11.92 16.28
N VAL B 9 17.36 12.72 15.33
CA VAL B 9 16.43 12.25 14.32
C VAL B 9 17.16 12.24 13.00
N VAL B 10 16.99 11.17 12.23
CA VAL B 10 17.51 11.14 10.87
C VAL B 10 16.37 11.24 9.87
N LEU B 11 16.44 12.23 8.99
CA LEU B 11 15.49 12.29 7.88
C LEU B 11 16.13 11.60 6.68
N ALA B 12 15.42 10.61 6.14
CA ALA B 12 15.90 9.89 4.97
C ALA B 12 14.76 9.75 3.99
N THR B 13 15.05 9.85 2.69
CA THR B 13 14.02 9.52 1.70
C THR B 13 14.38 8.23 0.98
N ALA B 14 13.33 7.50 0.62
CA ALA B 14 13.44 6.25 -0.12
C ALA B 14 12.58 6.39 -1.38
N PRO B 15 12.96 5.71 -2.47
CA PRO B 15 12.22 5.92 -3.72
C PRO B 15 10.83 5.28 -3.78
N ASP B 16 10.59 4.30 -2.91
CA ASP B 16 9.30 3.62 -2.87
C ASP B 16 9.11 2.92 -1.54
N GLU B 17 7.91 2.40 -1.31
CA GLU B 17 7.61 1.75 -0.03
C GLU B 17 8.39 0.46 0.15
N ALA B 18 8.62 -0.26 -0.96
CA ALA B 18 9.49 -1.44 -0.95
C ALA B 18 10.86 -1.14 -0.32
N THR B 19 11.49 -0.08 -0.80
CA THR B 19 12.82 0.32 -0.34
C THR B 19 12.75 0.89 1.08
N ALA B 20 11.74 1.70 1.36
CA ALA B 20 11.56 2.25 2.72
C ALA B 20 11.44 1.12 3.74
N GLN B 21 10.61 0.13 3.44
CA GLN B 21 10.43 -1.02 4.33
C GLN B 21 11.73 -1.77 4.52
N ASP B 22 12.45 -2.00 3.43
CA ASP B 22 13.73 -2.72 3.47
C ASP B 22 14.76 -1.97 4.32
N LEU B 23 14.91 -0.67 4.06
CA LEU B 23 15.87 0.13 4.80
C LEU B 23 15.56 0.12 6.30
N ALA B 24 14.30 0.36 6.65
CA ALA B 24 13.88 0.43 8.05
C ALA B 24 14.11 -0.90 8.75
N ALA B 25 13.67 -1.98 8.13
CA ALA B 25 13.80 -3.30 8.72
C ALA B 25 15.26 -3.66 8.96
N LYS B 26 16.12 -3.32 8.01
CA LYS B 26 17.54 -3.65 8.12
C LYS B 26 18.19 -2.89 9.26
N VAL B 27 18.01 -1.57 9.30
CA VAL B 27 18.69 -0.77 10.32
C VAL B 27 18.13 -0.99 11.72
N LEU B 28 16.85 -1.36 11.81
CA LEU B 28 16.25 -1.70 13.11
C LEU B 28 16.80 -3.04 13.58
N ALA B 29 16.90 -4.01 12.68
CA ALA B 29 17.40 -5.34 13.05
C ALA B 29 18.88 -5.28 13.43
N GLU B 30 19.62 -4.35 12.81
CA GLU B 30 21.05 -4.15 13.10
C GLU B 30 21.30 -3.28 14.34
N LYS B 31 20.21 -2.86 14.98
CA LYS B 31 20.25 -2.01 16.19
C LYS B 31 21.04 -0.71 15.93
N LEU B 32 20.80 -0.12 14.77
CA LEU B 32 21.40 1.18 14.42
C LEU B 32 20.39 2.30 14.56
N ALA B 33 19.12 1.92 14.60
CA ALA B 33 18.03 2.85 14.94
C ALA B 33 17.07 2.15 15.88
N ALA B 34 16.35 2.95 16.66
CA ALA B 34 15.36 2.45 17.63
C ALA B 34 13.96 2.36 17.01
N ALA B 35 13.65 3.32 16.15
CA ALA B 35 12.33 3.37 15.54
C ALA B 35 12.42 4.10 14.22
N ALA B 36 11.48 3.79 13.32
CA ALA B 36 11.38 4.52 12.06
C ALA B 36 9.93 4.80 11.72
N THR B 37 9.64 6.04 11.33
CA THR B 37 8.32 6.39 10.81
C THR B 37 8.41 6.56 9.30
N LEU B 38 7.52 5.90 8.57
N LEU B 38 7.49 5.92 8.58
CA LEU B 38 7.46 6.01 7.12
CA LEU B 38 7.44 6.00 7.12
C LEU B 38 6.24 6.82 6.73
C LEU B 38 6.22 6.79 6.67
N ILE B 39 6.44 7.83 5.88
CA ILE B 39 5.34 8.68 5.39
C ILE B 39 5.34 8.60 3.87
N PRO B 40 4.48 7.74 3.29
CA PRO B 40 4.49 7.56 1.84
C PRO B 40 3.71 8.67 1.13
N GLY B 41 3.81 8.68 -0.19
CA GLY B 41 2.95 9.55 -0.99
C GLY B 41 3.53 10.93 -1.19
N ALA B 42 4.80 11.08 -0.86
CA ALA B 42 5.50 12.36 -1.02
C ALA B 42 6.11 12.52 -2.42
N THR B 43 6.44 13.76 -2.77
CA THR B 43 7.13 14.08 -4.02
C THR B 43 8.42 14.85 -3.72
N SER B 44 9.52 14.45 -4.36
CA SER B 44 10.77 15.18 -4.25
C SER B 44 11.07 15.89 -5.56
N LEU B 45 11.35 17.19 -5.45
CA LEU B 45 11.76 18.00 -6.60
CA LEU B 45 11.75 18.02 -6.58
C LEU B 45 13.20 18.46 -6.43
N TYR B 46 13.96 18.40 -7.51
CA TYR B 46 15.34 18.82 -7.50
C TYR B 46 15.81 18.91 -8.94
N TYR B 47 16.86 19.68 -9.19
CA TYR B 47 17.49 19.70 -10.51
C TYR B 47 18.58 18.66 -10.65
N TRP B 48 18.60 18.00 -11.80
CA TRP B 48 19.69 17.13 -12.17
C TRP B 48 20.02 17.41 -13.63
N GLU B 49 21.25 17.88 -13.86
CA GLU B 49 21.70 18.32 -15.19
C GLU B 49 20.65 19.15 -15.93
N GLY B 50 20.18 20.20 -15.27
CA GLY B 50 19.26 21.16 -15.86
C GLY B 50 17.81 20.73 -15.98
N LYS B 51 17.52 19.51 -15.56
CA LYS B 51 16.17 18.97 -15.62
C LYS B 51 15.52 19.03 -14.23
N LEU B 52 14.32 19.58 -14.14
CA LEU B 52 13.58 19.55 -12.89
C LEU B 52 12.98 18.17 -12.73
N GLU B 53 13.60 17.38 -11.87
CA GLU B 53 13.13 16.02 -11.59
CA GLU B 53 13.13 16.02 -11.57
C GLU B 53 11.97 16.09 -10.60
N GLN B 54 11.00 15.20 -10.78
CA GLN B 54 9.88 15.10 -9.87
C GLN B 54 9.67 13.62 -9.60
N GLU B 55 10.11 13.18 -8.44
CA GLU B 55 10.02 11.75 -8.12
C GLU B 55 9.18 11.49 -6.89
N TYR B 56 8.44 10.39 -6.94
CA TYR B 56 7.63 9.98 -5.81
C TYR B 56 8.58 9.36 -4.78
N VAL B 57 8.40 9.73 -3.51
CA VAL B 57 9.29 9.22 -2.46
C VAL B 57 8.51 8.92 -1.19
N VAL B 58 9.17 8.17 -0.30
CA VAL B 58 8.68 7.99 1.06
C VAL B 58 9.61 8.77 1.99
N GLN B 59 9.02 9.63 2.83
CA GLN B 59 9.79 10.33 3.85
C GLN B 59 9.95 9.42 5.06
N MET B 60 11.20 9.18 5.47
CA MET B 60 11.47 8.41 6.69
C MET B 60 11.96 9.32 7.80
N ILE B 61 11.51 9.03 9.01
CA ILE B 61 11.96 9.73 10.20
C ILE B 61 12.47 8.66 11.16
N LEU B 62 13.79 8.53 11.24
CA LEU B 62 14.41 7.51 12.09
C LEU B 62 14.89 8.12 13.39
N LYS B 63 14.78 7.35 14.48
CA LYS B 63 15.27 7.82 15.77
C LYS B 63 16.46 6.98 16.17
N THR B 64 17.53 7.65 16.59
CA THR B 64 18.72 6.95 17.08
C THR B 64 19.45 7.86 18.06
N THR B 65 20.67 7.49 18.42
CA THR B 65 21.47 8.32 19.31
C THR B 65 22.72 8.81 18.60
N VAL B 66 23.33 9.85 19.18
CA VAL B 66 24.46 10.49 18.55
CA VAL B 66 24.48 10.50 18.58
C VAL B 66 25.65 9.52 18.38
N SER B 67 25.77 8.55 19.30
CA SER B 67 26.83 7.54 19.20
C SER B 67 26.64 6.52 18.08
N HIS B 68 25.39 6.40 17.60
CA HIS B 68 25.05 5.46 16.53
C HIS B 68 24.79 6.12 15.17
N GLN B 69 24.78 7.45 15.12
CA GLN B 69 24.33 8.14 13.91
C GLN B 69 25.19 7.86 12.70
N GLN B 70 26.51 7.77 12.90
CA GLN B 70 27.42 7.57 11.78
C GLN B 70 27.26 6.17 11.19
N ALA B 71 27.18 5.17 12.08
CA ALA B 71 26.93 3.80 11.63
C ALA B 71 25.58 3.70 10.92
N LEU B 72 24.57 4.41 11.44
CA LEU B 72 23.28 4.43 10.77
C LEU B 72 23.35 5.05 9.39
N LEU B 73 24.02 6.20 9.27
CA LEU B 73 24.17 6.84 7.96
C LEU B 73 24.89 5.93 6.98
N GLU B 74 25.91 5.23 7.45
CA GLU B 74 26.66 4.32 6.57
C GLU B 74 25.85 3.09 6.14
N ALA B 75 25.05 2.55 7.06
CA ALA B 75 24.18 1.41 6.75
C ALA B 75 23.10 1.80 5.75
N LEU B 76 22.47 2.95 5.99
CA LEU B 76 21.45 3.47 5.10
C LEU B 76 22.02 3.69 3.70
N LYS B 77 23.24 4.23 3.62
CA LYS B 77 23.89 4.50 2.35
C LYS B 77 24.14 3.19 1.60
N SER B 78 24.63 2.19 2.31
CA SER B 78 24.97 0.91 1.69
C SER B 78 23.73 0.21 1.10
N HIS B 79 22.63 0.27 1.84
CA HIS B 79 21.42 -0.45 1.50
C HIS B 79 20.56 0.32 0.49
N HIS B 80 20.71 1.64 0.47
CA HIS B 80 19.97 2.51 -0.46
C HIS B 80 20.37 2.23 -1.90
N PRO B 81 19.38 2.08 -2.79
CA PRO B 81 19.69 1.76 -4.19
C PRO B 81 20.41 2.89 -4.93
N TYR B 82 20.27 4.13 -4.45
CA TYR B 82 20.78 5.33 -5.12
C TYR B 82 22.16 5.75 -4.63
N GLN B 83 22.92 6.44 -5.49
CA GLN B 83 24.29 6.86 -5.19
C GLN B 83 24.41 8.12 -4.31
N THR B 84 23.38 8.96 -4.29
CA THR B 84 23.43 10.22 -3.55
C THR B 84 22.18 10.34 -2.66
N PRO B 85 22.06 9.48 -1.64
CA PRO B 85 20.81 9.40 -0.90
C PRO B 85 20.64 10.57 0.06
N GLU B 86 19.41 11.07 0.15
CA GLU B 86 19.09 12.17 1.05
C GLU B 86 18.97 11.65 2.48
N LEU B 87 20.05 11.79 3.23
CA LEU B 87 20.16 11.30 4.61
C LEU B 87 20.72 12.44 5.46
N LEU B 88 19.91 12.90 6.42
CA LEU B 88 20.22 14.13 7.19
C LEU B 88 19.99 13.90 8.68
N VAL B 89 20.90 14.41 9.51
CA VAL B 89 20.77 14.26 10.97
C VAL B 89 20.36 15.59 11.61
N LEU B 90 19.29 15.55 12.40
CA LEU B 90 18.79 16.73 13.14
CA LEU B 90 18.81 16.73 13.13
C LEU B 90 18.95 16.48 14.64
N PRO B 91 19.31 17.52 15.40
CA PRO B 91 19.50 17.30 16.84
C PRO B 91 18.18 17.29 17.61
N VAL B 92 18.10 16.46 18.64
CA VAL B 92 16.96 16.46 19.56
C VAL B 92 17.44 17.11 20.84
N THR B 93 16.86 18.27 21.16
CA THR B 93 17.33 19.08 22.29
C THR B 93 16.63 18.73 23.59
N HIS B 94 15.47 18.10 23.48
CA HIS B 94 14.69 17.67 24.64
C HIS B 94 13.74 16.56 24.24
N GLY B 95 13.33 15.77 25.20
CA GLY B 95 12.39 14.71 24.90
C GLY B 95 11.83 14.14 26.18
N ASP B 96 10.81 13.31 26.06
CA ASP B 96 10.31 12.63 27.24
C ASP B 96 11.36 11.63 27.71
N THR B 97 11.69 11.67 29.00
CA THR B 97 12.80 10.86 29.53
C THR B 97 12.57 9.36 29.32
N ASP B 98 11.34 8.89 29.55
CA ASP B 98 11.05 7.46 29.35
C ASP B 98 11.22 7.03 27.91
N TYR B 99 10.81 7.89 26.97
CA TYR B 99 10.99 7.57 25.56
C TYR B 99 12.48 7.51 25.20
N LEU B 100 13.23 8.50 25.66
CA LEU B 100 14.69 8.55 25.40
C LEU B 100 15.38 7.32 26.01
N SER B 101 14.95 6.92 27.20
CA SER B 101 15.48 5.70 27.82
C SER B 101 15.20 4.46 26.98
N TRP B 102 13.98 4.38 26.43
CA TRP B 102 13.59 3.26 25.57
C TRP B 102 14.41 3.26 24.27
N LEU B 103 14.58 4.46 23.72
CA LEU B 103 15.37 4.64 22.50
C LEU B 103 16.77 4.08 22.75
N ASN B 104 17.37 4.47 23.88
CA ASN B 104 18.70 3.99 24.24
C ASN B 104 18.74 2.50 24.48
N ALA B 105 17.76 1.98 25.22
CA ALA B 105 17.68 0.56 25.52
C ALA B 105 17.60 -0.30 24.27
N SER B 106 16.93 0.21 23.23
CA SER B 106 16.71 -0.53 21.99
CA SER B 106 16.73 -0.56 22.01
C SER B 106 18.01 -0.78 21.22
N LEU B 107 18.99 0.09 21.41
CA LEU B 107 20.25 0.02 20.67
C LEU B 107 21.31 -0.79 21.41
N ARG B 108 21.09 -1.02 22.70
CA ARG B 108 22.12 -1.60 23.56
C ARG B 108 21.97 -3.10 23.66
N ALA C 6 27.58 24.66 6.28
CA ALA C 6 26.69 23.67 6.95
C ALA C 6 25.32 23.71 6.29
N SER C 7 24.48 22.71 6.55
N SER C 7 24.49 22.70 6.52
CA SER C 7 23.18 22.58 5.91
CA SER C 7 23.17 22.64 5.88
C SER C 7 22.02 22.78 6.87
C SER C 7 22.02 22.79 6.87
N VAL C 8 20.85 23.10 6.32
CA VAL C 8 19.63 23.26 7.12
C VAL C 8 18.47 22.67 6.35
N VAL C 9 17.40 22.38 7.08
CA VAL C 9 16.13 22.08 6.42
CA VAL C 9 16.11 22.03 6.49
C VAL C 9 15.14 23.17 6.77
N VAL C 10 14.29 23.48 5.81
CA VAL C 10 13.24 24.46 6.03
C VAL C 10 11.92 23.70 5.97
N LEU C 11 11.18 23.79 7.06
CA LEU C 11 9.84 23.24 7.12
C LEU C 11 8.90 24.37 6.74
N ALA C 12 8.15 24.17 5.67
CA ALA C 12 7.19 25.17 5.23
C ALA C 12 5.89 24.48 4.92
N THR C 13 4.78 25.17 5.17
CA THR C 13 3.50 24.63 4.70
C THR C 13 2.92 25.47 3.59
N ALA C 14 2.20 24.82 2.67
CA ALA C 14 1.48 25.50 1.60
C ALA C 14 0.03 25.05 1.65
N PRO C 15 -0.91 25.88 1.16
CA PRO C 15 -2.33 25.54 1.25
C PRO C 15 -2.80 24.46 0.26
N ASP C 16 -2.04 24.23 -0.82
CA ASP C 16 -2.37 23.18 -1.81
C ASP C 16 -1.16 22.72 -2.61
N GLU C 17 -1.34 21.66 -3.40
CA GLU C 17 -0.27 21.04 -4.15
C GLU C 17 0.29 21.97 -5.21
N ALA C 18 -0.59 22.67 -5.91
CA ALA C 18 -0.19 23.62 -6.95
C ALA C 18 0.73 24.69 -6.39
N THR C 19 0.37 25.24 -5.24
CA THR C 19 1.16 26.27 -4.57
C THR C 19 2.48 25.69 -4.08
N ALA C 20 2.44 24.50 -3.48
CA ALA C 20 3.69 23.88 -3.02
C ALA C 20 4.65 23.63 -4.18
N GLN C 21 4.10 23.11 -5.28
CA GLN C 21 4.88 22.89 -6.51
C GLN C 21 5.46 24.18 -7.05
N ASP C 22 4.67 25.25 -7.06
CA ASP C 22 5.11 26.57 -7.53
C ASP C 22 6.25 27.10 -6.68
N LEU C 23 6.07 27.05 -5.36
CA LEU C 23 7.08 27.54 -4.43
C LEU C 23 8.38 26.79 -4.61
N ALA C 24 8.30 25.45 -4.64
CA ALA C 24 9.48 24.63 -4.80
C ALA C 24 10.14 24.92 -6.14
N ALA C 25 9.34 24.96 -7.21
CA ALA C 25 9.90 25.15 -8.55
C ALA C 25 10.66 26.47 -8.63
N LYS C 26 10.09 27.53 -8.05
CA LYS C 26 10.70 28.86 -8.08
C LYS C 26 12.04 28.91 -7.33
N VAL C 27 12.05 28.45 -6.09
CA VAL C 27 13.28 28.52 -5.30
C VAL C 27 14.36 27.55 -5.79
N LEU C 28 13.94 26.45 -6.42
CA LEU C 28 14.91 25.52 -7.01
C LEU C 28 15.55 26.18 -8.25
N ALA C 29 14.72 26.80 -9.09
CA ALA C 29 15.24 27.48 -10.30
C ALA C 29 16.19 28.63 -9.95
N GLU C 30 15.91 29.31 -8.84
CA GLU C 30 16.73 30.42 -8.36
C GLU C 30 17.97 29.95 -7.57
N LYS C 31 18.11 28.62 -7.45
CA LYS C 31 19.20 27.99 -6.71
C LYS C 31 19.32 28.51 -5.27
N LEU C 32 18.18 28.64 -4.61
CA LEU C 32 18.12 29.01 -3.20
C LEU C 32 17.89 27.80 -2.31
N ALA C 33 17.50 26.70 -2.94
CA ALA C 33 17.36 25.40 -2.29
C ALA C 33 17.86 24.36 -3.27
N ALA C 34 18.34 23.23 -2.74
CA ALA C 34 18.82 22.12 -3.55
C ALA C 34 17.72 21.11 -3.88
N ALA C 35 16.76 20.96 -2.97
CA ALA C 35 15.69 19.97 -3.12
C ALA C 35 14.54 20.31 -2.22
N ALA C 36 13.35 19.83 -2.59
CA ALA C 36 12.17 20.00 -1.76
C ALA C 36 11.33 18.74 -1.79
N THR C 37 10.94 18.30 -0.59
CA THR C 37 9.99 17.21 -0.46
C THR C 37 8.62 17.81 -0.14
N LEU C 38 7.59 17.36 -0.87
N LEU C 38 7.59 17.37 -0.87
CA LEU C 38 6.21 17.80 -0.66
CA LEU C 38 6.21 17.81 -0.65
C LEU C 38 5.41 16.63 -0.11
C LEU C 38 5.42 16.64 -0.11
N ILE C 39 4.81 16.82 1.06
CA ILE C 39 4.00 15.79 1.69
C ILE C 39 2.56 16.29 1.74
N PRO C 40 1.72 15.82 0.81
CA PRO C 40 0.32 16.20 0.83
C PRO C 40 -0.47 15.39 1.88
N GLY C 41 -1.75 15.70 2.01
CA GLY C 41 -2.66 14.95 2.90
C GLY C 41 -2.45 15.28 4.37
N ALA C 42 -2.06 16.53 4.64
CA ALA C 42 -1.88 16.97 6.01
C ALA C 42 -2.92 18.02 6.39
N THR C 43 -3.09 18.25 7.68
CA THR C 43 -3.86 19.41 8.12
C THR C 43 -3.12 20.17 9.20
N SER C 44 -3.52 21.42 9.38
CA SER C 44 -2.92 22.30 10.36
C SER C 44 -4.01 22.83 11.28
N LEU C 45 -3.77 22.72 12.58
CA LEU C 45 -4.71 23.18 13.60
CA LEU C 45 -4.72 23.20 13.58
C LEU C 45 -4.09 24.35 14.38
N TYR C 46 -4.89 25.37 14.62
CA TYR C 46 -4.44 26.55 15.36
C TYR C 46 -5.67 27.34 15.78
N TYR C 47 -5.51 28.20 16.77
CA TYR C 47 -6.59 29.12 17.16
C TYR C 47 -6.54 30.41 16.39
N TRP C 48 -7.73 30.90 16.04
CA TRP C 48 -7.86 32.22 15.41
C TRP C 48 -9.13 32.84 15.94
N GLU C 49 -8.99 34.06 16.47
CA GLU C 49 -10.11 34.81 17.07
C GLU C 49 -10.92 33.98 18.07
N GLY C 50 -10.21 33.21 18.89
CA GLY C 50 -10.83 32.40 19.94
C GLY C 50 -11.39 31.06 19.51
N LYS C 51 -11.27 30.75 18.22
CA LYS C 51 -11.84 29.53 17.65
C LYS C 51 -10.78 28.59 17.08
N LEU C 52 -10.93 27.30 17.33
CA LEU C 52 -10.05 26.28 16.77
C LEU C 52 -10.30 26.09 15.26
N GLU C 53 -9.29 26.38 14.45
CA GLU C 53 -9.36 26.22 13.00
C GLU C 53 -8.60 24.99 12.55
N GLN C 54 -9.00 24.42 11.42
CA GLN C 54 -8.26 23.31 10.82
C GLN C 54 -8.30 23.46 9.32
N GLU C 55 -7.12 23.48 8.71
CA GLU C 55 -7.04 23.68 7.27
C GLU C 55 -6.16 22.63 6.64
N TYR C 56 -6.46 22.30 5.38
CA TYR C 56 -5.63 21.38 4.62
C TYR C 56 -4.29 22.04 4.31
N VAL C 57 -3.21 21.29 4.46
CA VAL C 57 -1.88 21.80 4.07
C VAL C 57 -1.04 20.73 3.37
N VAL C 58 -0.09 21.18 2.56
CA VAL C 58 1.01 20.36 2.07
C VAL C 58 2.21 20.73 2.93
N GLN C 59 2.82 19.74 3.58
CA GLN C 59 4.04 19.96 4.35
C GLN C 59 5.25 19.88 3.44
N MET C 60 6.09 20.91 3.46
CA MET C 60 7.28 20.93 2.62
C MET C 60 8.51 20.78 3.50
N ILE C 61 9.51 20.08 2.99
CA ILE C 61 10.82 20.02 3.65
C ILE C 61 11.86 20.37 2.58
N LEU C 62 12.40 21.57 2.68
CA LEU C 62 13.38 22.04 1.70
C LEU C 62 14.78 21.90 2.28
N LYS C 63 15.77 21.64 1.42
CA LYS C 63 17.16 21.51 1.85
C LYS C 63 17.96 22.65 1.25
N THR C 64 18.74 23.32 2.10
CA THR C 64 19.64 24.37 1.61
C THR C 64 20.84 24.51 2.54
N THR C 65 21.70 25.49 2.28
CA THR C 65 22.81 25.72 3.19
C THR C 65 22.56 26.93 4.09
N VAL C 66 23.37 27.04 5.14
CA VAL C 66 23.28 28.20 6.03
CA VAL C 66 23.35 28.18 6.04
C VAL C 66 23.52 29.48 5.25
N SER C 67 24.40 29.43 4.25
CA SER C 67 24.68 30.60 3.40
C SER C 67 23.49 31.08 2.57
N HIS C 68 22.54 30.20 2.29
CA HIS C 68 21.39 30.56 1.45
C HIS C 68 20.06 30.64 2.18
N GLN C 69 20.05 30.31 3.48
CA GLN C 69 18.78 30.21 4.22
C GLN C 69 18.00 31.53 4.26
N GLN C 70 18.71 32.65 4.41
CA GLN C 70 18.06 33.94 4.49
C GLN C 70 17.33 34.25 3.18
N ALA C 71 18.06 34.11 2.07
CA ALA C 71 17.50 34.36 0.74
C ALA C 71 16.35 33.41 0.45
N LEU C 72 16.49 32.16 0.91
CA LEU C 72 15.40 31.20 0.72
C LEU C 72 14.13 31.61 1.47
N LEU C 73 14.27 32.01 2.74
CA LEU C 73 13.11 32.42 3.53
C LEU C 73 12.43 33.61 2.90
N GLU C 74 13.22 34.56 2.42
CA GLU C 74 12.66 35.76 1.81
C GLU C 74 11.92 35.44 0.51
N ALA C 75 12.49 34.52 -0.27
CA ALA C 75 11.86 34.12 -1.54
C ALA C 75 10.56 33.36 -1.27
N LEU C 76 10.60 32.40 -0.34
CA LEU C 76 9.38 31.70 0.03
C LEU C 76 8.29 32.67 0.54
N LYS C 77 8.70 33.65 1.35
CA LYS C 77 7.73 34.60 1.91
C LYS C 77 7.09 35.40 0.78
N SER C 78 7.91 35.84 -0.17
N SER C 78 7.92 35.85 -0.16
CA SER C 78 7.43 36.69 -1.27
CA SER C 78 8.30 37.41 -1.17
CA SER C 78 7.46 36.67 -1.29
C SER C 78 6.46 35.95 -2.19
C SER C 78 6.45 35.94 -2.17
N HIS C 79 6.72 34.67 -2.43
CA HIS C 79 5.91 33.87 -3.34
C HIS C 79 4.71 33.20 -2.70
N HIS C 80 4.72 33.07 -1.36
CA HIS C 80 3.61 32.44 -0.63
C HIS C 80 2.36 33.32 -0.62
N PRO C 81 1.17 32.71 -0.80
CA PRO C 81 -0.05 33.54 -0.83
C PRO C 81 -0.44 34.12 0.54
N TYR C 82 0.05 33.52 1.62
CA TYR C 82 -0.35 33.94 2.96
C TYR C 82 0.54 35.01 3.55
N GLN C 83 -0.09 35.82 4.41
CA GLN C 83 0.53 36.95 5.09
C GLN C 83 1.53 36.48 6.15
N THR C 84 1.20 35.39 6.83
CA THR C 84 2.05 34.85 7.90
C THR C 84 2.33 33.37 7.63
N PRO C 85 3.22 33.08 6.66
CA PRO C 85 3.43 31.67 6.30
C PRO C 85 4.30 30.96 7.32
N GLU C 86 3.99 29.68 7.56
CA GLU C 86 4.78 28.87 8.46
C GLU C 86 6.07 28.47 7.74
N LEU C 87 7.15 29.18 8.06
CA LEU C 87 8.47 28.87 7.51
C LEU C 87 9.45 28.77 8.68
N LEU C 88 10.00 27.59 8.89
CA LEU C 88 10.88 27.31 10.04
C LEU C 88 12.16 26.64 9.58
N VAL C 89 13.29 27.05 10.18
CA VAL C 89 14.58 26.42 9.83
C VAL C 89 15.04 25.54 10.97
N LEU C 90 15.43 24.31 10.63
CA LEU C 90 16.02 23.36 11.58
CA LEU C 90 16.03 23.38 11.59
C LEU C 90 17.45 23.06 11.14
N PRO C 91 18.38 22.95 12.11
CA PRO C 91 19.76 22.68 11.75
C PRO C 91 19.99 21.21 11.41
N VAL C 92 20.85 20.98 10.43
CA VAL C 92 21.33 19.65 10.08
C VAL C 92 22.76 19.55 10.58
N THR C 93 23.02 18.64 11.52
CA THR C 93 24.35 18.51 12.12
C THR C 93 25.31 17.71 11.24
N HIS C 94 24.77 16.67 10.59
CA HIS C 94 25.55 15.70 9.82
C HIS C 94 24.66 15.11 8.75
N GLY C 95 25.24 14.45 7.76
CA GLY C 95 24.44 13.80 6.74
C GLY C 95 25.30 13.01 5.80
N ASP C 96 24.70 12.39 4.79
CA ASP C 96 25.45 11.63 3.80
C ASP C 96 26.47 12.57 3.15
N THR C 97 27.75 12.20 3.16
CA THR C 97 28.81 13.08 2.66
C THR C 97 28.62 13.50 1.20
N ASP C 98 28.23 12.54 0.36
CA ASP C 98 27.99 12.82 -1.06
C ASP C 98 26.77 13.69 -1.26
N TYR C 99 25.73 13.44 -0.46
CA TYR C 99 24.52 14.25 -0.53
C TYR C 99 24.84 15.70 -0.16
N LEU C 100 25.57 15.90 0.94
CA LEU C 100 25.90 17.26 1.39
C LEU C 100 26.80 17.99 0.38
N SER C 101 27.71 17.25 -0.25
N SER C 101 27.71 17.25 -0.25
CA SER C 101 28.54 17.79 -1.31
CA SER C 101 28.55 17.80 -1.31
C SER C 101 27.71 18.26 -2.51
C SER C 101 27.71 18.26 -2.50
N TRP C 102 26.77 17.41 -2.92
CA TRP C 102 25.85 17.73 -4.01
C TRP C 102 24.98 18.92 -3.65
N LEU C 103 24.49 18.95 -2.41
CA LEU C 103 23.65 20.04 -1.92
C LEU C 103 24.38 21.39 -2.06
N ASN C 104 25.63 21.43 -1.61
CA ASN C 104 26.45 22.64 -1.69
C ASN C 104 26.75 23.04 -3.13
N ALA C 105 27.08 22.05 -3.96
CA ALA C 105 27.41 22.28 -5.38
C ALA C 105 26.23 22.82 -6.20
N SER C 106 25.02 22.43 -5.82
CA SER C 106 23.80 22.79 -6.55
CA SER C 106 23.80 22.79 -6.55
C SER C 106 23.40 24.25 -6.38
N LEU C 107 23.89 24.88 -5.32
CA LEU C 107 23.45 26.23 -4.96
C LEU C 107 24.25 27.36 -5.62
N ARG C 108 23.67 28.56 -5.62
CA ARG C 108 24.28 29.76 -6.21
C ARG C 108 25.39 30.34 -5.32
N THR D 5 -3.16 -32.80 2.99
CA THR D 5 -4.16 -31.77 3.40
C THR D 5 -4.25 -30.59 2.41
N ALA D 6 -3.78 -30.82 1.18
CA ALA D 6 -3.78 -29.78 0.13
C ALA D 6 -5.19 -29.23 -0.13
N SER D 7 -5.28 -27.97 -0.55
CA SER D 7 -6.58 -27.36 -0.80
CA SER D 7 -6.56 -27.32 -0.78
C SER D 7 -6.77 -27.05 -2.27
N VAL D 8 -8.03 -26.81 -2.65
CA VAL D 8 -8.40 -26.49 -4.01
C VAL D 8 -9.48 -25.44 -3.98
N VAL D 9 -9.67 -24.79 -5.12
CA VAL D 9 -10.87 -23.99 -5.33
CA VAL D 9 -10.83 -23.95 -5.35
C VAL D 9 -11.71 -24.62 -6.42
N VAL D 10 -13.02 -24.53 -6.22
CA VAL D 10 -13.95 -24.98 -7.24
C VAL D 10 -14.62 -23.73 -7.80
N LEU D 11 -14.47 -23.55 -9.11
CA LEU D 11 -15.20 -22.50 -9.81
C LEU D 11 -16.47 -23.11 -10.34
N ALA D 12 -17.62 -22.63 -9.88
CA ALA D 12 -18.90 -23.16 -10.34
C ALA D 12 -19.78 -22.00 -10.72
N THR D 13 -20.62 -22.16 -11.75
CA THR D 13 -21.60 -21.10 -12.03
C THR D 13 -23.00 -21.59 -11.72
N ALA D 14 -23.87 -20.68 -11.27
CA ALA D 14 -25.28 -20.98 -11.03
C ALA D 14 -26.11 -19.97 -11.82
N PRO D 15 -27.35 -20.35 -12.15
CA PRO D 15 -28.18 -19.45 -13.00
C PRO D 15 -28.75 -18.21 -12.31
N ASP D 16 -28.82 -18.21 -10.99
CA ASP D 16 -29.33 -17.07 -10.20
C ASP D 16 -28.81 -17.10 -8.76
N GLU D 17 -29.04 -16.02 -8.01
CA GLU D 17 -28.54 -15.92 -6.63
C GLU D 17 -29.19 -16.94 -5.69
N ALA D 18 -30.48 -17.20 -5.87
CA ALA D 18 -31.19 -18.17 -5.02
C ALA D 18 -30.57 -19.56 -5.15
N THR D 19 -30.26 -19.96 -6.38
CA THR D 19 -29.64 -21.26 -6.64
C THR D 19 -28.22 -21.29 -6.10
N ALA D 20 -27.47 -20.21 -6.34
CA ALA D 20 -26.11 -20.14 -5.84
C ALA D 20 -26.09 -20.23 -4.31
N GLN D 21 -27.01 -19.52 -3.66
CA GLN D 21 -27.12 -19.56 -2.21
C GLN D 21 -27.52 -20.96 -1.73
N ASP D 22 -28.47 -21.59 -2.43
CA ASP D 22 -28.91 -22.94 -2.07
C ASP D 22 -27.77 -23.94 -2.19
N LEU D 23 -27.05 -23.88 -3.31
CA LEU D 23 -25.93 -24.81 -3.55
C LEU D 23 -24.89 -24.64 -2.45
N ALA D 24 -24.51 -23.38 -2.20
CA ALA D 24 -23.50 -23.10 -1.20
C ALA D 24 -23.96 -23.58 0.17
N ALA D 25 -25.19 -23.22 0.55
CA ALA D 25 -25.68 -23.57 1.88
C ALA D 25 -25.68 -25.09 2.08
N LYS D 26 -26.09 -25.82 1.06
CA LYS D 26 -26.15 -27.28 1.15
C LYS D 26 -24.78 -27.92 1.33
N VAL D 27 -23.82 -27.51 0.49
CA VAL D 27 -22.50 -28.11 0.59
C VAL D 27 -21.72 -27.67 1.83
N LEU D 28 -22.00 -26.46 2.32
CA LEU D 28 -21.40 -26.00 3.58
C LEU D 28 -21.97 -26.79 4.76
N ALA D 29 -23.28 -27.00 4.74
CA ALA D 29 -23.94 -27.76 5.80
C ALA D 29 -23.45 -29.21 5.85
N GLU D 30 -23.19 -29.78 4.67
CA GLU D 30 -22.68 -31.16 4.55
C GLU D 30 -21.17 -31.26 4.82
N LYS D 31 -20.55 -30.11 5.10
CA LYS D 31 -19.10 -30.02 5.35
C LYS D 31 -18.28 -30.60 4.18
N LEU D 32 -18.71 -30.28 2.96
CA LEU D 32 -17.97 -30.65 1.75
C LEU D 32 -17.16 -29.49 1.19
N ALA D 33 -17.48 -28.28 1.67
CA ALA D 33 -16.69 -27.08 1.39
C ALA D 33 -16.62 -26.30 2.68
N ALA D 34 -15.58 -25.49 2.82
CA ALA D 34 -15.42 -24.64 4.00
C ALA D 34 -16.03 -23.24 3.81
N ALA D 35 -16.03 -22.76 2.57
CA ALA D 35 -16.52 -21.41 2.28
C ALA D 35 -16.86 -21.29 0.81
N ALA D 36 -17.76 -20.37 0.49
CA ALA D 36 -18.13 -20.11 -0.90
C ALA D 36 -18.29 -18.61 -1.09
N THR D 37 -17.66 -18.09 -2.15
CA THR D 37 -17.87 -16.71 -2.54
C THR D 37 -18.81 -16.72 -3.73
N LEU D 38 -19.84 -15.89 -3.68
CA LEU D 38 -20.77 -15.71 -4.77
C LEU D 38 -20.57 -14.34 -5.40
N ILE D 39 -20.32 -14.32 -6.69
CA ILE D 39 -20.16 -13.08 -7.46
C ILE D 39 -21.30 -12.97 -8.46
N PRO D 40 -22.31 -12.14 -8.15
CA PRO D 40 -23.41 -11.97 -9.07
C PRO D 40 -23.02 -10.97 -10.17
N GLY D 41 -23.93 -10.74 -11.11
CA GLY D 41 -23.73 -9.73 -12.15
C GLY D 41 -22.81 -10.18 -13.26
N ALA D 42 -22.73 -11.49 -13.49
CA ALA D 42 -21.92 -12.04 -14.59
C ALA D 42 -22.79 -12.60 -15.71
N THR D 43 -22.15 -12.85 -16.85
CA THR D 43 -22.81 -13.61 -17.91
C THR D 43 -21.87 -14.65 -18.48
N SER D 44 -22.44 -15.68 -19.09
CA SER D 44 -21.68 -16.73 -19.73
C SER D 44 -22.07 -16.81 -21.20
N LEU D 45 -21.06 -16.90 -22.05
CA LEU D 45 -21.22 -17.01 -23.49
C LEU D 45 -20.68 -18.32 -23.98
N TYR D 46 -21.40 -18.93 -24.93
CA TYR D 46 -20.98 -20.21 -25.50
C TYR D 46 -21.84 -20.47 -26.73
N TYR D 47 -21.40 -21.38 -27.60
CA TYR D 47 -22.23 -21.79 -28.73
C TYR D 47 -23.14 -22.95 -28.36
N TRP D 48 -24.37 -22.91 -28.86
CA TRP D 48 -25.28 -24.02 -28.74
C TRP D 48 -25.98 -24.17 -30.07
N GLU D 49 -25.78 -25.32 -30.71
CA GLU D 49 -26.36 -25.62 -32.01
C GLU D 49 -26.12 -24.50 -33.04
N GLY D 50 -24.87 -24.05 -33.10
CA GLY D 50 -24.44 -23.06 -34.07
C GLY D 50 -24.82 -21.62 -33.77
N LYS D 51 -25.52 -21.40 -32.65
CA LYS D 51 -25.87 -20.04 -32.23
C LYS D 51 -25.08 -19.64 -30.99
N LEU D 52 -24.62 -18.39 -30.98
CA LEU D 52 -23.99 -17.81 -29.79
C LEU D 52 -25.04 -17.50 -28.72
N GLU D 53 -24.95 -18.18 -27.59
CA GLU D 53 -25.85 -17.98 -26.46
C GLU D 53 -25.18 -17.12 -25.40
N GLN D 54 -25.99 -16.37 -24.67
CA GLN D 54 -25.50 -15.58 -23.54
C GLN D 54 -26.51 -15.56 -22.39
N GLU D 55 -26.08 -16.05 -21.23
CA GLU D 55 -26.98 -16.20 -20.08
C GLU D 55 -26.41 -15.55 -18.84
N TYR D 56 -27.30 -15.05 -17.99
CA TYR D 56 -26.93 -14.52 -16.70
C TYR D 56 -26.42 -15.66 -15.81
N VAL D 57 -25.31 -15.42 -15.12
CA VAL D 57 -24.81 -16.37 -14.10
C VAL D 57 -24.32 -15.67 -12.84
N VAL D 58 -24.28 -16.44 -11.75
CA VAL D 58 -23.55 -16.08 -10.54
C VAL D 58 -22.30 -16.96 -10.54
N GLN D 59 -21.14 -16.31 -10.48
CA GLN D 59 -19.86 -17.03 -10.40
C GLN D 59 -19.58 -17.40 -8.95
N MET D 60 -19.39 -18.70 -8.68
CA MET D 60 -19.07 -19.16 -7.33
C MET D 60 -17.61 -19.56 -7.27
N ILE D 61 -16.99 -19.30 -6.13
CA ILE D 61 -15.63 -19.77 -5.84
C ILE D 61 -15.70 -20.49 -4.51
N LEU D 62 -15.69 -21.82 -4.55
CA LEU D 62 -15.77 -22.62 -3.32
C LEU D 62 -14.37 -23.08 -2.90
N LYS D 63 -14.16 -23.18 -1.59
CA LYS D 63 -12.90 -23.68 -1.03
C LYS D 63 -13.12 -25.02 -0.35
N THR D 64 -12.28 -25.99 -0.69
CA THR D 64 -12.33 -27.28 -0.01
C THR D 64 -10.93 -27.92 -0.02
N THR D 65 -10.83 -29.13 0.52
CA THR D 65 -9.56 -29.85 0.45
C THR D 65 -9.55 -30.85 -0.70
N VAL D 66 -8.37 -31.33 -1.04
CA VAL D 66 -8.21 -32.37 -2.04
C VAL D 66 -9.01 -33.61 -1.63
N SER D 67 -9.05 -33.89 -0.33
CA SER D 67 -9.75 -35.08 0.18
CA SER D 67 -9.76 -35.07 0.19
C SER D 67 -11.26 -35.04 -0.02
N HIS D 68 -11.81 -33.83 -0.14
CA HIS D 68 -13.24 -33.65 -0.26
C HIS D 68 -13.72 -33.19 -1.63
N GLN D 69 -12.79 -32.98 -2.56
CA GLN D 69 -13.17 -32.39 -3.85
CA GLN D 69 -13.16 -32.39 -3.86
C GLN D 69 -14.13 -33.27 -4.66
N GLN D 70 -13.96 -34.60 -4.57
CA GLN D 70 -14.78 -35.51 -5.35
C GLN D 70 -16.22 -35.44 -4.84
N ALA D 71 -16.37 -35.58 -3.53
CA ALA D 71 -17.69 -35.51 -2.92
C ALA D 71 -18.34 -34.14 -3.14
N LEU D 72 -17.53 -33.08 -3.08
CA LEU D 72 -18.06 -31.74 -3.35
C LEU D 72 -18.62 -31.61 -4.77
N LEU D 73 -17.89 -32.11 -5.77
CA LEU D 73 -18.33 -32.04 -7.17
C LEU D 73 -19.60 -32.85 -7.37
N GLU D 74 -19.65 -34.02 -6.75
CA GLU D 74 -20.84 -34.89 -6.85
C GLU D 74 -22.05 -34.22 -6.23
N ALA D 75 -21.85 -33.58 -5.07
CA ALA D 75 -22.95 -32.88 -4.40
C ALA D 75 -23.45 -31.69 -5.22
N LEU D 76 -22.52 -30.86 -5.70
CA LEU D 76 -22.89 -29.73 -6.54
C LEU D 76 -23.66 -30.20 -7.78
N LYS D 77 -23.18 -31.26 -8.42
CA LYS D 77 -23.86 -31.80 -9.59
C LYS D 77 -25.28 -32.24 -9.24
N SER D 78 -25.43 -32.94 -8.12
CA SER D 78 -26.74 -33.45 -7.71
C SER D 78 -27.76 -32.34 -7.48
N HIS D 79 -27.32 -31.26 -6.86
CA HIS D 79 -28.20 -30.15 -6.48
C HIS D 79 -28.40 -29.10 -7.57
N HIS D 80 -27.47 -29.02 -8.52
CA HIS D 80 -27.54 -28.02 -9.61
C HIS D 80 -28.70 -28.32 -10.56
N PRO D 81 -29.43 -27.28 -11.00
CA PRO D 81 -30.58 -27.56 -11.86
C PRO D 81 -30.25 -27.97 -13.30
N TYR D 82 -29.00 -27.72 -13.74
CA TYR D 82 -28.56 -27.99 -15.11
C TYR D 82 -27.97 -29.39 -15.25
N GLN D 83 -28.08 -29.96 -16.44
CA GLN D 83 -27.56 -31.28 -16.73
C GLN D 83 -26.04 -31.29 -16.89
N THR D 84 -25.49 -30.17 -17.36
CA THR D 84 -24.06 -30.04 -17.67
C THR D 84 -23.52 -28.79 -16.98
N PRO D 85 -23.44 -28.81 -15.64
CA PRO D 85 -23.05 -27.59 -14.92
C PRO D 85 -21.54 -27.31 -15.02
N GLU D 86 -21.19 -26.03 -15.10
CA GLU D 86 -19.79 -25.64 -15.14
C GLU D 86 -19.20 -25.76 -13.73
N LEU D 87 -18.53 -26.88 -13.48
CA LEU D 87 -17.83 -27.13 -12.20
C LEU D 87 -16.38 -27.52 -12.53
N LEU D 88 -15.45 -26.66 -12.08
CA LEU D 88 -14.03 -26.79 -12.40
C LEU D 88 -13.21 -26.69 -11.14
N VAL D 89 -12.20 -27.53 -11.02
CA VAL D 89 -11.31 -27.50 -9.86
C VAL D 89 -9.95 -26.94 -10.25
N LEU D 90 -9.49 -25.95 -9.49
CA LEU D 90 -8.15 -25.35 -9.68
CA LEU D 90 -8.15 -25.38 -9.68
C LEU D 90 -7.33 -25.62 -8.42
N PRO D 91 -6.05 -25.97 -8.58
CA PRO D 91 -5.22 -26.26 -7.40
C PRO D 91 -4.76 -25.01 -6.65
N VAL D 92 -4.73 -25.09 -5.32
CA VAL D 92 -4.15 -24.05 -4.48
C VAL D 92 -2.80 -24.57 -4.00
N THR D 93 -1.73 -23.86 -4.35
CA THR D 93 -0.40 -24.36 -4.01
C THR D 93 -0.01 -23.96 -2.60
N HIS D 94 -0.42 -22.76 -2.21
CA HIS D 94 -0.04 -22.14 -0.95
C HIS D 94 -1.13 -21.20 -0.52
N GLY D 95 -1.12 -20.81 0.75
CA GLY D 95 -2.10 -19.87 1.24
C GLY D 95 -1.80 -19.43 2.67
N ASP D 96 -2.67 -18.58 3.21
CA ASP D 96 -2.52 -18.16 4.61
C ASP D 96 -2.55 -19.40 5.51
N THR D 97 -1.57 -19.50 6.40
CA THR D 97 -1.43 -20.69 7.25
CA THR D 97 -1.43 -20.70 7.24
C THR D 97 -2.66 -20.91 8.13
N ASP D 98 -3.16 -19.83 8.72
CA ASP D 98 -4.31 -19.93 9.62
C ASP D 98 -5.57 -20.22 8.81
N TYR D 99 -5.67 -19.65 7.61
CA TYR D 99 -6.82 -19.95 6.76
C TYR D 99 -6.86 -21.42 6.35
N LEU D 100 -5.72 -21.96 5.91
CA LEU D 100 -5.68 -23.34 5.45
C LEU D 100 -5.93 -24.32 6.59
N SER D 101 -5.48 -23.96 7.80
CA SER D 101 -5.74 -24.77 8.98
CA SER D 101 -5.74 -24.77 8.98
C SER D 101 -7.23 -24.80 9.30
N TRP D 102 -7.86 -23.61 9.25
CA TRP D 102 -9.30 -23.47 9.47
C TRP D 102 -10.07 -24.25 8.41
N LEU D 103 -9.65 -24.12 7.16
CA LEU D 103 -10.27 -24.83 6.04
C LEU D 103 -10.29 -26.34 6.34
N ASN D 104 -9.14 -26.89 6.70
CA ASN D 104 -9.03 -28.32 7.00
C ASN D 104 -9.87 -28.72 8.20
N ALA D 105 -9.84 -27.92 9.26
CA ALA D 105 -10.61 -28.20 10.48
C ALA D 105 -12.12 -28.14 10.28
N SER D 106 -12.55 -27.34 9.31
CA SER D 106 -13.97 -27.13 9.04
C SER D 106 -14.66 -28.32 8.39
N LEU D 107 -13.88 -29.21 7.76
CA LEU D 107 -14.43 -30.28 6.92
C LEU D 107 -14.51 -31.61 7.67
N ARG D 108 -15.02 -32.64 6.99
CA ARG D 108 -15.21 -34.00 7.55
C ARG D 108 -13.91 -34.65 8.02
N THR E 5 -6.97 -34.40 -23.59
CA THR E 5 -6.27 -33.08 -23.43
C THR E 5 -6.81 -32.33 -22.21
N ALA E 6 -5.89 -31.91 -21.35
CA ALA E 6 -6.25 -31.25 -20.10
C ALA E 6 -6.92 -29.91 -20.40
N SER E 7 -7.82 -29.50 -19.51
CA SER E 7 -8.53 -28.23 -19.64
CA SER E 7 -8.50 -28.22 -19.68
C SER E 7 -7.80 -27.14 -18.86
N VAL E 8 -8.04 -25.89 -19.24
CA VAL E 8 -7.47 -24.74 -18.55
C VAL E 8 -8.51 -23.62 -18.49
N VAL E 9 -8.27 -22.70 -17.57
CA VAL E 9 -9.02 -21.46 -17.42
CA VAL E 9 -9.03 -21.46 -17.55
C VAL E 9 -8.09 -20.32 -17.86
N VAL E 10 -8.58 -19.40 -18.68
CA VAL E 10 -7.78 -18.25 -19.07
C VAL E 10 -8.41 -17.02 -18.43
N LEU E 11 -7.61 -16.29 -17.66
CA LEU E 11 -8.05 -15.04 -17.07
C LEU E 11 -7.59 -13.92 -17.99
N ALA E 12 -8.55 -13.14 -18.49
CA ALA E 12 -8.23 -12.01 -19.34
C ALA E 12 -9.05 -10.81 -18.89
N THR E 13 -8.55 -9.60 -19.12
CA THR E 13 -9.40 -8.42 -18.86
C THR E 13 -9.63 -7.64 -20.14
N ALA E 14 -10.73 -6.89 -20.16
CA ALA E 14 -11.06 -5.98 -21.26
C ALA E 14 -11.41 -4.63 -20.66
N PRO E 15 -11.20 -3.55 -21.40
CA PRO E 15 -11.39 -2.21 -20.81
C PRO E 15 -12.85 -1.78 -20.70
N ASP E 16 -13.73 -2.44 -21.44
CA ASP E 16 -15.17 -2.15 -21.38
C ASP E 16 -16.00 -3.33 -21.86
N GLU E 17 -17.32 -3.23 -21.66
CA GLU E 17 -18.23 -4.31 -22.04
C GLU E 17 -18.18 -4.63 -23.52
N ALA E 18 -18.22 -3.60 -24.37
CA ALA E 18 -18.20 -3.80 -25.81
C ALA E 18 -17.00 -4.62 -26.25
N THR E 19 -15.84 -4.30 -25.69
CA THR E 19 -14.61 -5.01 -26.01
C THR E 19 -14.62 -6.46 -25.51
N ALA E 20 -15.11 -6.67 -24.28
CA ALA E 20 -15.22 -8.03 -23.73
C ALA E 20 -16.13 -8.90 -24.60
N GLN E 21 -17.27 -8.33 -25.01
CA GLN E 21 -18.22 -9.04 -25.85
C GLN E 21 -17.59 -9.38 -27.19
N ASP E 22 -16.90 -8.42 -27.78
CA ASP E 22 -16.23 -8.63 -29.05
C ASP E 22 -15.16 -9.72 -28.97
N LEU E 23 -14.31 -9.64 -27.95
CA LEU E 23 -13.27 -10.64 -27.74
C LEU E 23 -13.87 -12.04 -27.59
N ALA E 24 -14.87 -12.16 -26.71
CA ALA E 24 -15.51 -13.44 -26.45
C ALA E 24 -16.15 -13.99 -27.72
N ALA E 25 -16.92 -13.14 -28.41
CA ALA E 25 -17.59 -13.60 -29.64
C ALA E 25 -16.59 -14.10 -30.69
N LYS E 26 -15.47 -13.40 -30.82
CA LYS E 26 -14.48 -13.74 -31.84
C LYS E 26 -13.81 -15.08 -31.52
N VAL E 27 -13.35 -15.26 -30.30
CA VAL E 27 -12.63 -16.50 -29.97
C VAL E 27 -13.55 -17.71 -29.86
N LEU E 28 -14.79 -17.49 -29.48
CA LEU E 28 -15.78 -18.58 -29.47
C LEU E 28 -16.13 -18.99 -30.89
N ALA E 29 -16.32 -18.02 -31.79
CA ALA E 29 -16.61 -18.34 -33.19
C ALA E 29 -15.45 -19.09 -33.86
N GLU E 30 -14.22 -18.77 -33.46
CA GLU E 30 -13.03 -19.40 -34.02
C GLU E 30 -12.71 -20.74 -33.37
N LYS E 31 -13.57 -21.16 -32.45
CA LYS E 31 -13.43 -22.41 -31.70
C LYS E 31 -12.09 -22.51 -30.97
N LEU E 32 -11.66 -21.40 -30.38
CA LEU E 32 -10.41 -21.36 -29.61
C LEU E 32 -10.70 -21.42 -28.11
N ALA E 33 -11.96 -21.20 -27.76
CA ALA E 33 -12.46 -21.37 -26.39
C ALA E 33 -13.85 -21.99 -26.47
N ALA E 34 -14.24 -22.74 -25.44
CA ALA E 34 -15.56 -23.35 -25.36
C ALA E 34 -16.59 -22.40 -24.77
N ALA E 35 -16.16 -21.58 -23.83
CA ALA E 35 -17.08 -20.69 -23.13
C ALA E 35 -16.32 -19.54 -22.51
N ALA E 36 -17.02 -18.44 -22.29
CA ALA E 36 -16.41 -17.29 -21.62
C ALA E 36 -17.38 -16.65 -20.64
N THR E 37 -16.93 -16.47 -19.40
CA THR E 37 -17.70 -15.72 -18.41
C THR E 37 -17.18 -14.28 -18.36
N LEU E 38 -18.12 -13.33 -18.41
CA LEU E 38 -17.78 -11.90 -18.30
C LEU E 38 -18.29 -11.35 -16.98
N ILE E 39 -17.42 -10.67 -16.24
CA ILE E 39 -17.80 -10.03 -14.99
C ILE E 39 -17.45 -8.53 -15.10
N PRO E 40 -18.42 -7.69 -15.50
CA PRO E 40 -18.16 -6.26 -15.57
C PRO E 40 -18.10 -5.62 -14.19
N GLY E 41 -17.69 -4.35 -14.14
CA GLY E 41 -17.76 -3.57 -12.91
C GLY E 41 -16.60 -3.75 -11.95
N ALA E 42 -15.51 -4.31 -12.45
CA ALA E 42 -14.31 -4.51 -11.65
C ALA E 42 -13.35 -3.34 -11.84
N THR E 43 -12.35 -3.25 -10.98
CA THR E 43 -11.29 -2.28 -11.21
CA THR E 43 -11.30 -2.25 -11.10
C THR E 43 -9.94 -2.95 -11.12
N SER E 44 -9.01 -2.42 -11.90
CA SER E 44 -7.64 -2.94 -11.89
C SER E 44 -6.71 -1.84 -11.39
N LEU E 45 -5.88 -2.20 -10.43
CA LEU E 45 -4.91 -1.29 -9.83
CA LEU E 45 -4.91 -1.29 -9.83
C LEU E 45 -3.50 -1.77 -10.16
N TYR E 46 -2.62 -0.83 -10.53
CA TYR E 46 -1.24 -1.16 -10.90
C TYR E 46 -0.43 0.13 -10.96
N TYR E 47 0.89 0.00 -10.91
CA TYR E 47 1.75 1.18 -11.10
C TYR E 47 2.09 1.41 -12.55
N TRP E 48 2.10 2.70 -12.93
CA TRP E 48 2.49 3.13 -14.26
C TRP E 48 3.26 4.42 -14.06
N GLU E 49 4.50 4.44 -14.55
CA GLU E 49 5.38 5.61 -14.41
C GLU E 49 5.52 6.07 -12.95
N GLY E 50 5.61 5.11 -12.04
CA GLY E 50 5.80 5.42 -10.63
C GLY E 50 4.56 5.82 -9.85
N LYS E 51 3.41 5.83 -10.53
CA LYS E 51 2.17 6.32 -9.96
C LYS E 51 1.14 5.19 -9.93
N LEU E 52 0.39 5.10 -8.83
CA LEU E 52 -0.72 4.13 -8.74
C LEU E 52 -1.86 4.54 -9.67
N GLU E 53 -2.20 3.62 -10.58
CA GLU E 53 -3.28 3.82 -11.55
CA GLU E 53 -3.28 3.83 -11.53
C GLU E 53 -4.45 2.92 -11.20
N GLN E 54 -5.66 3.37 -11.51
CA GLN E 54 -6.86 2.58 -11.29
C GLN E 54 -7.72 2.72 -12.55
N GLU E 55 -8.17 1.59 -13.10
CA GLU E 55 -9.03 1.63 -14.28
C GLU E 55 -10.14 0.61 -14.18
N TYR E 56 -11.23 0.88 -14.88
CA TYR E 56 -12.35 -0.02 -14.97
C TYR E 56 -11.97 -1.19 -15.88
N VAL E 57 -12.34 -2.41 -15.48
CA VAL E 57 -12.15 -3.56 -16.35
C VAL E 57 -13.32 -4.52 -16.25
N VAL E 58 -13.50 -5.30 -17.31
CA VAL E 58 -14.36 -6.47 -17.29
C VAL E 58 -13.44 -7.67 -17.10
N GLN E 59 -13.70 -8.45 -16.05
CA GLN E 59 -12.92 -9.68 -15.85
C GLN E 59 -13.50 -10.78 -16.74
N MET E 60 -12.64 -11.46 -17.51
CA MET E 60 -13.11 -12.57 -18.35
C MET E 60 -12.52 -13.86 -17.83
N ILE E 61 -13.31 -14.92 -17.87
CA ILE E 61 -12.83 -16.25 -17.46
C ILE E 61 -13.22 -17.19 -18.58
N LEU E 62 -12.23 -17.57 -19.39
CA LEU E 62 -12.49 -18.40 -20.57
C LEU E 62 -12.07 -19.84 -20.30
N LYS E 63 -12.79 -20.77 -20.91
CA LYS E 63 -12.47 -22.18 -20.77
C LYS E 63 -12.00 -22.72 -22.11
N THR E 64 -10.87 -23.43 -22.09
CA THR E 64 -10.34 -24.08 -23.28
C THR E 64 -9.49 -25.29 -22.88
N THR E 65 -8.78 -25.88 -23.84
CA THR E 65 -7.88 -27.00 -23.55
C THR E 65 -6.43 -26.61 -23.74
N VAL E 66 -5.52 -27.42 -23.21
CA VAL E 66 -4.11 -27.15 -23.35
C VAL E 66 -3.71 -27.07 -24.83
N SER E 67 -4.33 -27.90 -25.67
CA SER E 67 -4.03 -27.90 -27.10
C SER E 67 -4.38 -26.59 -27.82
N HIS E 68 -5.30 -25.82 -27.24
CA HIS E 68 -5.78 -24.59 -27.87
C HIS E 68 -5.28 -23.32 -27.17
N GLN E 69 -4.62 -23.49 -26.03
CA GLN E 69 -4.29 -22.34 -25.17
C GLN E 69 -3.42 -21.31 -25.87
N GLN E 70 -2.42 -21.79 -26.62
CA GLN E 70 -1.54 -20.90 -27.36
C GLN E 70 -2.28 -20.09 -28.41
N ALA E 71 -3.09 -20.76 -29.23
CA ALA E 71 -3.85 -20.09 -30.27
C ALA E 71 -4.83 -19.09 -29.66
N LEU E 72 -5.43 -19.47 -28.54
CA LEU E 72 -6.37 -18.57 -27.86
C LEU E 72 -5.67 -17.32 -27.38
N LEU E 73 -4.52 -17.47 -26.72
CA LEU E 73 -3.78 -16.31 -26.26
C LEU E 73 -3.39 -15.38 -27.40
N GLU E 74 -2.92 -15.95 -28.50
CA GLU E 74 -2.51 -15.16 -29.66
C GLU E 74 -3.69 -14.39 -30.26
N ALA E 75 -4.86 -15.05 -30.31
CA ALA E 75 -6.07 -14.43 -30.81
C ALA E 75 -6.58 -13.32 -29.90
N LEU E 76 -6.60 -13.59 -28.59
CA LEU E 76 -7.00 -12.58 -27.63
C LEU E 76 -6.08 -11.37 -27.70
N LYS E 77 -4.77 -11.59 -27.77
CA LYS E 77 -3.78 -10.51 -27.82
C LYS E 77 -4.01 -9.64 -29.04
N SER E 78 -4.20 -10.29 -30.19
CA SER E 78 -4.39 -9.61 -31.46
C SER E 78 -5.67 -8.76 -31.45
N HIS E 79 -6.78 -9.34 -31.00
CA HIS E 79 -8.07 -8.64 -30.98
C HIS E 79 -8.16 -7.55 -29.90
N HIS E 80 -7.40 -7.69 -28.84
CA HIS E 80 -7.43 -6.74 -27.73
C HIS E 80 -6.86 -5.40 -28.20
N PRO E 81 -7.45 -4.26 -27.75
CA PRO E 81 -6.91 -2.96 -28.17
C PRO E 81 -5.48 -2.71 -27.72
N TYR E 82 -5.04 -3.32 -26.62
CA TYR E 82 -3.66 -3.13 -26.16
C TYR E 82 -2.70 -4.10 -26.81
N GLN E 83 -1.45 -3.69 -26.89
CA GLN E 83 -0.39 -4.54 -27.35
C GLN E 83 -0.12 -5.66 -26.36
N THR E 84 -0.15 -5.33 -25.07
CA THR E 84 0.22 -6.30 -24.03
C THR E 84 -0.86 -6.38 -22.95
N PRO E 85 -1.98 -7.03 -23.27
CA PRO E 85 -3.05 -7.18 -22.30
C PRO E 85 -2.76 -8.27 -21.26
N GLU E 86 -3.50 -8.20 -20.15
CA GLU E 86 -3.40 -9.21 -19.09
C GLU E 86 -4.03 -10.53 -19.55
N LEU E 87 -3.20 -11.54 -19.75
CA LEU E 87 -3.64 -12.85 -20.23
C LEU E 87 -2.88 -13.92 -19.49
N LEU E 88 -3.60 -14.76 -18.74
CA LEU E 88 -2.99 -15.74 -17.85
C LEU E 88 -3.72 -17.06 -17.95
N VAL E 89 -2.97 -18.16 -17.92
CA VAL E 89 -3.58 -19.50 -18.02
C VAL E 89 -3.40 -20.23 -16.70
N LEU E 90 -4.51 -20.78 -16.18
CA LEU E 90 -4.55 -21.55 -14.93
CA LEU E 90 -4.50 -21.56 -14.95
C LEU E 90 -4.96 -22.99 -15.23
N PRO E 91 -4.30 -23.98 -14.59
CA PRO E 91 -4.65 -25.37 -14.88
C PRO E 91 -5.90 -25.85 -14.14
N VAL E 92 -6.74 -26.61 -14.83
CA VAL E 92 -7.88 -27.26 -14.22
C VAL E 92 -7.47 -28.70 -13.93
N THR E 93 -7.50 -29.07 -12.66
CA THR E 93 -7.04 -30.40 -12.27
C THR E 93 -8.14 -31.46 -12.20
N HIS E 94 -9.40 -31.00 -12.11
CA HIS E 94 -10.55 -31.91 -12.01
C HIS E 94 -11.80 -31.09 -12.32
N GLY E 95 -12.95 -31.76 -12.43
CA GLY E 95 -14.18 -31.05 -12.72
C GLY E 95 -15.27 -32.03 -13.07
N ASP E 96 -16.47 -31.50 -13.31
CA ASP E 96 -17.61 -32.33 -13.70
C ASP E 96 -17.26 -33.03 -15.01
N THR E 97 -17.41 -34.35 -15.05
CA THR E 97 -17.06 -35.15 -16.22
CA THR E 97 -17.03 -35.13 -16.23
C THR E 97 -17.83 -34.74 -17.47
N ASP E 98 -19.14 -34.50 -17.30
CA ASP E 98 -19.99 -34.10 -18.42
C ASP E 98 -19.62 -32.73 -18.96
N TYR E 99 -19.29 -31.80 -18.06
CA TYR E 99 -18.85 -30.48 -18.52
C TYR E 99 -17.54 -30.53 -19.30
N LEU E 100 -16.56 -31.25 -18.77
CA LEU E 100 -15.26 -31.33 -19.41
C LEU E 100 -15.36 -32.03 -20.77
N SER E 101 -16.24 -33.03 -20.86
CA SER E 101 -16.54 -33.68 -22.14
C SER E 101 -17.13 -32.70 -23.14
N TRP E 102 -18.07 -31.88 -22.67
CA TRP E 102 -18.69 -30.86 -23.50
C TRP E 102 -17.65 -29.82 -23.96
N LEU E 103 -16.82 -29.37 -23.02
CA LEU E 103 -15.75 -28.41 -23.31
C LEU E 103 -14.89 -28.91 -24.48
N ASN E 104 -14.42 -30.14 -24.37
CA ASN E 104 -13.56 -30.73 -25.41
C ASN E 104 -14.28 -30.88 -26.76
N ALA E 105 -15.52 -31.36 -26.72
CA ALA E 105 -16.33 -31.56 -27.91
C ALA E 105 -16.59 -30.26 -28.67
N SER E 106 -16.78 -29.17 -27.91
CA SER E 106 -17.12 -27.88 -28.51
C SER E 106 -16.01 -27.32 -29.39
N LEU E 107 -14.80 -27.81 -29.21
CA LEU E 107 -13.64 -27.31 -29.94
C LEU E 107 -13.30 -28.13 -31.19
N ARG E 108 -14.06 -29.20 -31.45
CA ARG E 108 -13.79 -30.06 -32.60
C ARG E 108 -14.17 -29.40 -33.93
N SER F 2 14.39 -15.55 -20.48
CA SER F 2 14.99 -16.52 -19.50
C SER F 2 15.12 -15.89 -18.10
N SER F 3 15.03 -14.56 -18.04
CA SER F 3 15.12 -13.89 -16.75
C SER F 3 13.79 -13.83 -15.98
N ASN F 4 12.68 -14.25 -16.61
CA ASN F 4 11.37 -14.19 -15.92
C ASN F 4 11.24 -15.26 -14.82
N THR F 5 10.79 -14.82 -13.65
CA THR F 5 10.35 -15.73 -12.60
C THR F 5 8.95 -16.18 -12.95
N ALA F 6 8.62 -17.44 -12.65
CA ALA F 6 7.26 -17.98 -12.92
C ALA F 6 6.22 -17.15 -12.20
N SER F 7 5.07 -16.95 -12.85
CA SER F 7 4.01 -16.13 -12.26
CA SER F 7 4.01 -16.12 -12.24
C SER F 7 2.97 -16.97 -11.50
N VAL F 8 2.24 -16.32 -10.60
CA VAL F 8 1.14 -16.91 -9.86
C VAL F 8 0.02 -15.91 -9.73
N VAL F 9 -1.18 -16.40 -9.42
CA VAL F 9 -2.33 -15.55 -9.11
C VAL F 9 -2.65 -15.76 -7.63
N VAL F 10 -2.92 -14.67 -6.92
CA VAL F 10 -3.37 -14.77 -5.53
C VAL F 10 -4.82 -14.32 -5.46
N LEU F 11 -5.67 -15.19 -4.94
CA LEU F 11 -7.07 -14.82 -4.67
C LEU F 11 -7.17 -14.41 -3.22
N ALA F 12 -7.63 -13.20 -2.99
CA ALA F 12 -7.80 -12.69 -1.62
C ALA F 12 -9.16 -12.05 -1.51
N THR F 13 -9.79 -12.17 -0.36
CA THR F 13 -11.02 -11.41 -0.15
C THR F 13 -10.80 -10.34 0.92
N ALA F 14 -11.50 -9.22 0.77
CA ALA F 14 -11.48 -8.15 1.76
C ALA F 14 -12.92 -7.88 2.19
N PRO F 15 -13.12 -7.44 3.44
CA PRO F 15 -14.49 -7.27 3.93
C PRO F 15 -15.24 -6.06 3.37
N ASP F 16 -14.51 -5.10 2.82
CA ASP F 16 -15.13 -3.95 2.16
C ASP F 16 -14.18 -3.27 1.18
N GLU F 17 -14.69 -2.27 0.47
CA GLU F 17 -13.93 -1.62 -0.57
C GLU F 17 -12.80 -0.76 -0.03
N ALA F 18 -12.99 -0.15 1.14
CA ALA F 18 -11.91 0.60 1.79
C ALA F 18 -10.70 -0.30 2.07
N THR F 19 -10.98 -1.46 2.68
CA THR F 19 -9.92 -2.43 2.99
C THR F 19 -9.28 -2.97 1.70
N ALA F 20 -10.11 -3.30 0.70
CA ALA F 20 -9.58 -3.86 -0.55
C ALA F 20 -8.62 -2.87 -1.23
N GLN F 21 -9.03 -1.60 -1.28
CA GLN F 21 -8.21 -0.53 -1.84
C GLN F 21 -6.91 -0.38 -1.06
N ASP F 22 -7.01 -0.40 0.26
CA ASP F 22 -5.85 -0.26 1.16
C ASP F 22 -4.86 -1.41 0.94
N LEU F 23 -5.39 -2.63 0.90
CA LEU F 23 -4.54 -3.81 0.71
C LEU F 23 -3.83 -3.77 -0.64
N ALA F 24 -4.57 -3.49 -1.70
CA ALA F 24 -4.01 -3.42 -3.03
C ALA F 24 -2.95 -2.33 -3.11
N ALA F 25 -3.28 -1.13 -2.62
CA ALA F 25 -2.33 -0.02 -2.72
C ALA F 25 -1.03 -0.35 -1.98
N LYS F 26 -1.15 -0.97 -0.80
CA LYS F 26 0.01 -1.30 0.03
C LYS F 26 0.93 -2.31 -0.65
N VAL F 27 0.35 -3.41 -1.12
CA VAL F 27 1.21 -4.46 -1.70
C VAL F 27 1.76 -4.09 -3.06
N LEU F 28 1.07 -3.23 -3.79
CA LEU F 28 1.60 -2.70 -5.04
C LEU F 28 2.78 -1.75 -4.76
N ALA F 29 2.63 -0.90 -3.75
CA ALA F 29 3.68 0.06 -3.38
C ALA F 29 4.92 -0.67 -2.86
N GLU F 30 4.70 -1.78 -2.17
CA GLU F 30 5.80 -2.61 -1.64
C GLU F 30 6.38 -3.58 -2.67
N LYS F 31 5.90 -3.47 -3.92
CA LYS F 31 6.38 -4.30 -5.03
C LYS F 31 6.29 -5.79 -4.71
N LEU F 32 5.18 -6.17 -4.09
CA LEU F 32 4.92 -7.58 -3.77
C LEU F 32 3.91 -8.19 -4.74
N ALA F 33 3.21 -7.31 -5.47
CA ALA F 33 2.31 -7.71 -6.56
C ALA F 33 2.49 -6.69 -7.70
N ALA F 34 2.17 -7.13 -8.90
CA ALA F 34 2.27 -6.28 -10.09
C ALA F 34 0.94 -5.57 -10.38
N ALA F 35 -0.17 -6.24 -10.09
CA ALA F 35 -1.49 -5.69 -10.40
C ALA F 35 -2.50 -6.38 -9.52
N ALA F 36 -3.64 -5.72 -9.31
CA ALA F 36 -4.72 -6.30 -8.52
C ALA F 36 -6.04 -5.92 -9.15
N THR F 37 -6.87 -6.93 -9.40
CA THR F 37 -8.23 -6.69 -9.84
C THR F 37 -9.14 -6.83 -8.64
N LEU F 38 -10.02 -5.84 -8.46
N LEU F 38 -10.01 -5.84 -8.44
CA LEU F 38 -10.99 -5.80 -7.36
CA LEU F 38 -10.98 -5.84 -7.36
C LEU F 38 -12.40 -5.96 -7.91
C LEU F 38 -12.38 -5.99 -7.94
N ILE F 39 -13.11 -6.97 -7.43
CA ILE F 39 -14.49 -7.23 -7.86
C ILE F 39 -15.40 -7.07 -6.64
N PRO F 40 -16.05 -5.92 -6.49
CA PRO F 40 -16.92 -5.69 -5.32
C PRO F 40 -18.29 -6.34 -5.51
N GLY F 41 -19.11 -6.33 -4.44
CA GLY F 41 -20.51 -6.76 -4.56
C GLY F 41 -20.71 -8.25 -4.37
N ALA F 42 -19.67 -8.93 -3.93
CA ALA F 42 -19.72 -10.37 -3.70
C ALA F 42 -20.19 -10.71 -2.28
N THR F 43 -20.57 -11.97 -2.07
CA THR F 43 -20.96 -12.49 -0.76
CA THR F 43 -20.91 -12.46 -0.74
C THR F 43 -20.14 -13.72 -0.41
N SER F 44 -19.68 -13.81 0.82
CA SER F 44 -18.99 -14.99 1.29
C SER F 44 -19.87 -15.71 2.31
N LEU F 45 -20.03 -17.01 2.10
CA LEU F 45 -20.78 -17.86 3.01
CA LEU F 45 -20.77 -17.86 3.03
C LEU F 45 -19.84 -18.87 3.64
N TYR F 46 -19.95 -19.04 4.96
CA TYR F 46 -19.15 -20.02 5.70
C TYR F 46 -19.79 -20.21 7.07
N TYR F 47 -19.47 -21.33 7.73
CA TYR F 47 -19.90 -21.51 9.12
C TYR F 47 -18.87 -20.98 10.10
N TRP F 48 -19.38 -20.30 11.12
CA TRP F 48 -18.57 -19.92 12.27
C TRP F 48 -19.37 -20.25 13.52
N GLU F 49 -18.84 -21.12 14.36
CA GLU F 49 -19.50 -21.58 15.59
C GLU F 49 -20.98 -21.95 15.36
N GLY F 50 -21.23 -22.76 14.33
CA GLY F 50 -22.58 -23.23 14.01
C GLY F 50 -23.48 -22.25 13.28
N LYS F 51 -22.99 -21.03 13.03
CA LYS F 51 -23.76 -20.01 12.35
C LYS F 51 -23.39 -19.96 10.88
N LEU F 52 -24.38 -20.02 9.99
CA LEU F 52 -24.10 -19.73 8.58
C LEU F 52 -23.94 -18.23 8.43
N GLU F 53 -22.70 -17.80 8.27
CA GLU F 53 -22.40 -16.38 8.09
C GLU F 53 -22.55 -16.04 6.63
N GLN F 54 -22.97 -14.82 6.36
CA GLN F 54 -23.18 -14.35 5.00
C GLN F 54 -22.70 -12.91 5.03
N GLU F 55 -21.47 -12.69 4.55
CA GLU F 55 -20.80 -11.40 4.68
C GLU F 55 -20.51 -10.84 3.31
N TYR F 56 -20.63 -9.52 3.18
CA TYR F 56 -20.23 -8.82 1.98
C TYR F 56 -18.71 -8.93 1.84
N VAL F 57 -18.21 -9.18 0.62
CA VAL F 57 -16.77 -9.15 0.36
C VAL F 57 -16.44 -8.53 -0.98
N VAL F 58 -15.19 -8.09 -1.11
CA VAL F 58 -14.62 -7.74 -2.40
C VAL F 58 -13.65 -8.85 -2.75
N GLN F 59 -13.85 -9.47 -3.92
CA GLN F 59 -12.90 -10.45 -4.43
C GLN F 59 -11.69 -9.76 -5.07
N MET F 60 -10.49 -10.13 -4.64
CA MET F 60 -9.27 -9.59 -5.25
C MET F 60 -8.57 -10.69 -6.03
N ILE F 61 -8.03 -10.31 -7.18
CA ILE F 61 -7.21 -11.20 -7.98
C ILE F 61 -5.88 -10.49 -8.20
N LEU F 62 -4.85 -10.92 -7.46
CA LEU F 62 -3.53 -10.27 -7.52
C LEU F 62 -2.58 -11.08 -8.39
N LYS F 63 -1.70 -10.39 -9.11
CA LYS F 63 -0.71 -11.04 -9.96
C LYS F 63 0.66 -10.80 -9.36
N THR F 64 1.42 -11.86 -9.20
CA THR F 64 2.80 -11.75 -8.70
C THR F 64 3.64 -12.91 -9.23
N THR F 65 4.85 -13.07 -8.72
CA THR F 65 5.66 -14.23 -9.10
C THR F 65 5.91 -15.15 -7.93
N VAL F 66 6.31 -16.38 -8.24
CA VAL F 66 6.57 -17.41 -7.23
CA VAL F 66 6.54 -17.40 -7.22
C VAL F 66 7.57 -16.96 -6.17
N SER F 67 8.55 -16.17 -6.58
CA SER F 67 9.56 -15.68 -5.65
C SER F 67 9.06 -14.61 -4.68
N HIS F 68 7.92 -13.99 -5.00
CA HIS F 68 7.33 -12.95 -4.15
C HIS F 68 6.07 -13.40 -3.40
N GLN F 69 5.57 -14.59 -3.71
CA GLN F 69 4.26 -14.99 -3.19
C GLN F 69 4.17 -15.04 -1.68
N GLN F 70 5.23 -15.54 -1.02
CA GLN F 70 5.21 -15.64 0.44
C GLN F 70 5.22 -14.25 1.10
N ALA F 71 6.06 -13.36 0.59
CA ALA F 71 6.10 -11.98 1.09
C ALA F 71 4.75 -11.32 0.89
N LEU F 72 4.14 -11.58 -0.26
CA LEU F 72 2.80 -11.05 -0.55
C LEU F 72 1.74 -11.59 0.43
N LEU F 73 1.74 -12.91 0.66
CA LEU F 73 0.81 -13.49 1.64
C LEU F 73 0.99 -12.88 3.01
N GLU F 74 2.24 -12.68 3.41
CA GLU F 74 2.54 -12.15 4.74
C GLU F 74 2.13 -10.69 4.88
N ALA F 75 2.32 -9.91 3.81
CA ALA F 75 1.93 -8.50 3.82
C ALA F 75 0.41 -8.34 3.84
N LEU F 76 -0.28 -9.14 3.03
CA LEU F 76 -1.74 -9.14 3.03
C LEU F 76 -2.29 -9.49 4.41
N LYS F 77 -1.69 -10.49 5.05
CA LYS F 77 -2.11 -10.95 6.38
C LYS F 77 -1.92 -9.84 7.41
N SER F 78 -0.77 -9.20 7.35
CA SER F 78 -0.44 -8.15 8.32
CA SER F 78 -0.42 -8.13 8.29
C SER F 78 -1.40 -6.96 8.25
N HIS F 79 -1.89 -6.66 7.06
CA HIS F 79 -2.76 -5.49 6.86
C HIS F 79 -4.25 -5.81 6.86
N HIS F 80 -4.58 -7.09 6.79
CA HIS F 80 -5.97 -7.51 6.75
C HIS F 80 -6.56 -7.38 8.15
N PRO F 81 -7.77 -6.82 8.26
CA PRO F 81 -8.34 -6.60 9.60
C PRO F 81 -8.72 -7.89 10.31
N TYR F 82 -8.92 -8.97 9.56
CA TYR F 82 -9.37 -10.24 10.14
C TYR F 82 -8.24 -11.22 10.40
N GLN F 83 -8.44 -12.10 11.37
CA GLN F 83 -7.39 -12.99 11.86
C GLN F 83 -7.18 -14.25 11.01
N THR F 84 -8.19 -14.61 10.22
CA THR F 84 -8.11 -15.81 9.39
C THR F 84 -8.48 -15.43 7.94
N PRO F 85 -7.61 -14.64 7.27
CA PRO F 85 -8.02 -14.10 5.97
C PRO F 85 -7.91 -15.11 4.83
N GLU F 86 -8.84 -15.04 3.90
CA GLU F 86 -8.86 -15.94 2.76
C GLU F 86 -7.86 -15.45 1.73
N LEU F 87 -6.67 -16.03 1.78
CA LEU F 87 -5.57 -15.69 0.88
C LEU F 87 -5.04 -16.98 0.27
N LEU F 88 -5.11 -17.10 -1.05
CA LEU F 88 -4.84 -18.39 -1.73
C LEU F 88 -4.00 -18.17 -2.96
N VAL F 89 -3.01 -19.04 -3.19
CA VAL F 89 -2.12 -18.92 -4.35
C VAL F 89 -2.46 -20.01 -5.36
N LEU F 90 -2.72 -19.58 -6.60
CA LEU F 90 -2.98 -20.49 -7.73
CA LEU F 90 -2.97 -20.50 -7.71
C LEU F 90 -1.85 -20.41 -8.75
N PRO F 91 -1.46 -21.55 -9.32
CA PRO F 91 -0.36 -21.53 -10.29
C PRO F 91 -0.78 -21.00 -11.66
N VAL F 92 0.12 -20.28 -12.33
CA VAL F 92 -0.10 -19.84 -13.71
C VAL F 92 0.81 -20.70 -14.59
N THR F 93 0.21 -21.47 -15.48
CA THR F 93 0.96 -22.47 -16.28
C THR F 93 1.41 -21.95 -17.65
N HIS F 94 0.79 -20.86 -18.11
CA HIS F 94 1.16 -20.22 -19.36
C HIS F 94 0.57 -18.83 -19.36
N GLY F 95 1.00 -17.99 -20.29
CA GLY F 95 0.48 -16.65 -20.38
C GLY F 95 1.19 -15.97 -21.52
N ASP F 96 0.86 -14.72 -21.75
CA ASP F 96 1.56 -13.99 -22.78
C ASP F 96 2.94 -13.57 -22.26
N THR F 97 4.00 -13.89 -23.02
CA THR F 97 5.38 -13.64 -22.59
C THR F 97 5.60 -12.15 -22.27
N ASP F 98 5.10 -11.27 -23.12
CA ASP F 98 5.25 -9.82 -22.86
C ASP F 98 4.55 -9.40 -21.57
N TYR F 99 3.36 -9.96 -21.30
CA TYR F 99 2.68 -9.62 -20.07
C TYR F 99 3.49 -10.13 -18.86
N LEU F 100 3.99 -11.36 -18.97
CA LEU F 100 4.75 -11.95 -17.87
C LEU F 100 6.06 -11.18 -17.66
N SER F 101 6.61 -10.66 -18.75
CA SER F 101 7.80 -9.80 -18.62
C SER F 101 7.48 -8.49 -17.91
N TRP F 102 6.30 -7.91 -18.21
CA TRP F 102 5.86 -6.70 -17.52
C TRP F 102 5.62 -6.98 -16.03
N LEU F 103 5.01 -8.12 -15.74
CA LEU F 103 4.73 -8.54 -14.37
C LEU F 103 6.05 -8.60 -13.61
N ASN F 104 7.04 -9.27 -14.20
CA ASN F 104 8.35 -9.37 -13.57
C ASN F 104 9.04 -8.01 -13.39
N ALA F 105 8.99 -7.18 -14.43
CA ALA F 105 9.64 -5.86 -14.37
C ALA F 105 9.03 -4.97 -13.28
N SER F 106 7.74 -5.11 -13.05
CA SER F 106 7.03 -4.32 -12.04
CA SER F 106 7.04 -4.31 -12.04
C SER F 106 7.51 -4.63 -10.62
N LEU F 107 8.05 -5.83 -10.42
CA LEU F 107 8.49 -6.27 -9.09
C LEU F 107 9.95 -5.99 -8.82
N ARG F 108 10.69 -5.63 -9.87
CA ARG F 108 12.15 -5.53 -9.78
C ARG F 108 12.60 -4.09 -9.89
#